data_3MDE
#
_entry.id   3MDE
#
_cell.length_a   128.780
_cell.length_b   137.250
_cell.length_c   105.320
_cell.angle_alpha   90.00
_cell.angle_beta   90.00
_cell.angle_gamma   90.00
#
_symmetry.space_group_name_H-M   'C 2 2 21'
#
loop_
_entity.id
_entity.type
_entity.pdbx_description
1 polymer 'MEDIUM CHAIN ACYL-COA DEHYDROGENASE'
2 non-polymer 'OCTANOYL-COENZYME A'
3 non-polymer 'FLAVIN-ADENINE DINUCLEOTIDE'
4 water water
#
_entity_poly.entity_id   1
_entity_poly.type   'polypeptide(L)'
_entity_poly.pdbx_seq_one_letter_code
;GFSFELTEQQKEFQATARKFAREEIIPVAAEYDRTGEYPVPLLKRAWELGLMNTHIPESFGGLGLGIIDSCLITEELAYG
CTGVQTAIEANTLGQVPLIIGGNYQQQKKYLGRMTEEPLMCAYCVTEPGAGSDVAGIKTKAEKKGDEYIINGQKMWITNG
GKANWYFLLARSDPDPKAPASKAFTGFIVEADTPGVQIGRKEINMGQRCSDTRGIVFEDVRVPKENVLTGEGAGFKIAMG
TFDKTRPPVAAGAVGLAQRALDEATKYALERKTFGKLLAEHQGISFLLADMAMKVELARLSYQRAAWEIDSGRRNTYYAS
IAKAYAADIANQLATDAVQVFGGNGFNTEYPVEKLMRDAKIYQIYEGTAQIQRIIIAREHIGRYK
;
_entity_poly.pdbx_strand_id   A,B
#
loop_
_chem_comp.id
_chem_comp.type
_chem_comp.name
_chem_comp.formula
CO8 non-polymer 'OCTANOYL-COENZYME A' 'C29 H50 N7 O17 P3 S'
FAD non-polymer 'FLAVIN-ADENINE DINUCLEOTIDE' 'C27 H33 N9 O15 P2'
#
# COMPACT_ATOMS: atom_id res chain seq x y z
N GLY A 1 7.41 22.46 36.26
CA GLY A 1 8.37 22.16 35.19
C GLY A 1 7.81 21.06 34.29
N PHE A 2 8.70 20.52 33.48
CA PHE A 2 8.43 19.45 32.54
C PHE A 2 8.30 18.10 33.27
N SER A 3 7.48 17.25 32.65
CA SER A 3 7.24 15.89 33.14
C SER A 3 6.72 15.04 31.97
N PHE A 4 7.36 13.90 31.84
CA PHE A 4 7.02 12.93 30.77
C PHE A 4 6.64 11.61 31.46
N GLU A 5 6.12 11.82 32.66
CA GLU A 5 5.71 10.76 33.57
C GLU A 5 4.21 10.57 33.70
N LEU A 6 3.81 9.33 33.46
CA LEU A 6 2.41 8.90 33.57
C LEU A 6 1.99 8.79 35.04
N THR A 7 0.71 9.04 35.26
CA THR A 7 0.14 8.89 36.61
C THR A 7 -0.03 7.38 36.82
N GLU A 8 -0.11 6.99 38.07
CA GLU A 8 -0.30 5.54 38.35
C GLU A 8 -1.61 5.05 37.76
N GLN A 9 -2.55 5.96 37.62
CA GLN A 9 -3.87 5.71 37.06
C GLN A 9 -3.76 5.46 35.55
N GLN A 10 -2.96 6.29 34.90
CA GLN A 10 -2.71 6.21 33.47
C GLN A 10 -1.91 4.95 33.12
N LYS A 11 -1.08 4.53 34.06
CA LYS A 11 -0.25 3.33 33.88
C LYS A 11 -1.13 2.08 33.83
N GLU A 12 -2.17 2.08 34.64
CA GLU A 12 -3.12 0.97 34.73
C GLU A 12 -4.01 0.87 33.50
N PHE A 13 -4.63 2.19 33.06
CA PHE A 13 -5.40 2.03 31.82
C PHE A 13 -4.52 1.40 30.74
N GLN A 14 -3.25 1.93 30.70
CA GLN A 14 -2.27 1.58 29.66
C GLN A 14 -2.07 0.07 29.61
N ALA A 15 -1.83 -0.51 30.77
CA ALA A 15 -1.62 -1.96 30.91
C ALA A 15 -2.83 -2.72 30.37
N THR A 16 -3.99 -2.25 30.79
CA THR A 16 -5.28 -2.84 30.40
C THR A 16 -5.45 -2.87 28.89
N ALA A 17 -5.19 -1.73 28.27
CA ALA A 17 -5.28 -1.55 26.83
C ALA A 17 -4.28 -2.42 26.08
N ARG A 18 -3.08 -2.48 26.61
CA ARG A 18 -1.98 -3.25 26.00
C ARG A 18 -2.31 -4.73 25.99
N LYS A 19 -2.63 -5.24 27.17
CA LYS A 19 -2.99 -6.66 27.36
C LYS A 19 -4.13 -7.05 26.44
N PHE A 20 -5.14 -6.21 26.37
CA PHE A 20 -6.32 -6.44 25.52
C PHE A 20 -5.88 -6.57 24.07
N ALA A 21 -5.12 -5.58 23.63
CA ALA A 21 -4.61 -5.47 22.27
C ALA A 21 -3.72 -6.62 21.83
N ARG A 22 -2.85 -7.10 22.70
CA ARG A 22 -1.91 -8.17 22.33
C ARG A 22 -2.47 -9.55 22.58
N GLU A 23 -3.35 -9.66 23.57
CA GLU A 23 -3.95 -10.98 23.87
C GLU A 23 -5.24 -11.24 23.13
N GLU A 24 -5.99 -10.19 22.85
CA GLU A 24 -7.28 -10.34 22.16
C GLU A 24 -7.35 -9.82 20.75
N ILE A 25 -6.80 -8.68 20.43
CA ILE A 25 -6.88 -8.12 19.08
C ILE A 25 -5.98 -8.83 18.07
N ILE A 26 -4.69 -8.82 18.34
CA ILE A 26 -3.66 -9.36 17.44
C ILE A 26 -3.96 -10.70 16.84
N PRO A 27 -4.33 -11.69 17.63
CA PRO A 27 -4.60 -13.05 17.14
C PRO A 27 -5.70 -13.17 16.11
N VAL A 28 -6.67 -12.28 16.09
CA VAL A 28 -7.78 -12.36 15.13
C VAL A 28 -7.81 -11.22 14.11
N ALA A 29 -6.98 -10.23 14.30
CA ALA A 29 -6.93 -9.05 13.43
C ALA A 29 -6.81 -9.41 11.95
N ALA A 30 -5.90 -10.34 11.66
CA ALA A 30 -5.63 -10.80 10.31
C ALA A 30 -6.86 -11.36 9.60
N GLU A 31 -7.67 -12.09 10.30
CA GLU A 31 -8.82 -12.84 9.77
C GLU A 31 -10.02 -11.89 9.64
N TYR A 32 -10.02 -10.71 10.34
CA TYR A 32 -11.06 -9.70 10.19
C TYR A 32 -10.78 -8.81 8.98
N ASP A 33 -9.50 -8.72 8.65
CA ASP A 33 -9.05 -7.91 7.49
C ASP A 33 -9.46 -8.61 6.20
N ARG A 34 -9.38 -9.93 6.23
CA ARG A 34 -9.72 -10.78 5.10
C ARG A 34 -11.21 -10.88 4.83
N THR A 35 -11.97 -11.08 5.89
CA THR A 35 -13.44 -11.23 5.77
C THR A 35 -14.13 -9.88 5.76
N GLY A 36 -13.55 -8.93 6.46
CA GLY A 36 -14.08 -7.56 6.56
C GLY A 36 -15.30 -7.49 7.46
N GLU A 37 -15.43 -8.53 8.37
CA GLU A 37 -16.51 -8.55 9.37
C GLU A 37 -16.33 -7.40 10.36
N TYR A 38 -17.49 -6.96 10.86
CA TYR A 38 -17.52 -5.99 11.97
C TYR A 38 -17.12 -6.76 13.22
N PRO A 39 -16.07 -6.29 13.87
CA PRO A 39 -15.50 -6.94 15.05
C PRO A 39 -16.33 -6.82 16.30
N VAL A 40 -17.58 -7.24 16.20
CA VAL A 40 -18.56 -7.19 17.30
C VAL A 40 -18.01 -7.71 18.62
N PRO A 41 -17.52 -8.94 18.67
CA PRO A 41 -16.99 -9.51 19.90
C PRO A 41 -15.87 -8.70 20.55
N LEU A 42 -15.08 -8.02 19.73
CA LEU A 42 -13.96 -7.21 20.22
C LEU A 42 -14.45 -5.90 20.83
N LEU A 43 -15.44 -5.30 20.21
CA LEU A 43 -16.02 -4.03 20.65
C LEU A 43 -16.73 -4.21 21.99
N LYS A 44 -17.45 -5.33 22.09
CA LYS A 44 -18.17 -5.65 23.35
C LYS A 44 -17.18 -5.69 24.51
N ARG A 45 -16.10 -6.40 24.27
CA ARG A 45 -15.01 -6.59 25.23
C ARG A 45 -14.37 -5.27 25.64
N ALA A 46 -14.11 -4.42 24.66
CA ALA A 46 -13.51 -3.11 24.88
C ALA A 46 -14.42 -2.25 25.75
N TRP A 47 -15.71 -2.43 25.56
CA TRP A 47 -16.73 -1.69 26.33
C TRP A 47 -16.71 -2.14 27.79
N GLU A 48 -16.71 -3.43 28.01
CA GLU A 48 -16.70 -4.02 29.35
C GLU A 48 -15.44 -3.65 30.12
N LEU A 49 -14.37 -3.56 29.35
CA LEU A 49 -13.02 -3.26 29.88
C LEU A 49 -12.90 -1.78 30.19
N GLY A 50 -13.78 -0.99 29.62
CA GLY A 50 -13.84 0.46 29.78
C GLY A 50 -12.86 1.19 28.88
N LEU A 51 -12.61 0.65 27.71
CA LEU A 51 -11.69 1.23 26.72
C LEU A 51 -12.46 1.83 25.55
N MET A 52 -13.65 2.29 25.83
CA MET A 52 -14.55 2.89 24.82
C MET A 52 -15.33 4.01 25.53
N ASN A 53 -15.72 5.03 24.79
CA ASN A 53 -16.51 6.15 25.36
C ASN A 53 -15.86 6.80 26.56
N THR A 54 -14.60 6.77 26.63
CA THR A 54 -13.65 7.18 27.68
C THR A 54 -13.84 8.67 28.00
N HIS A 55 -14.35 9.49 27.09
CA HIS A 55 -14.52 10.94 27.28
C HIS A 55 -15.85 11.35 27.84
N ILE A 56 -16.78 10.43 27.98
CA ILE A 56 -18.09 10.73 28.57
C ILE A 56 -17.90 11.06 30.05
N PRO A 57 -18.43 12.21 30.45
CA PRO A 57 -18.36 12.68 31.83
C PRO A 57 -19.03 11.69 32.78
N GLU A 58 -18.62 11.75 34.03
CA GLU A 58 -19.10 10.87 35.10
C GLU A 58 -20.60 10.98 35.33
N SER A 59 -21.12 12.17 35.18
CA SER A 59 -22.54 12.48 35.36
C SER A 59 -23.45 11.53 34.58
N PHE A 60 -22.93 11.07 33.45
CA PHE A 60 -23.70 10.18 32.55
C PHE A 60 -23.13 8.78 32.56
N GLY A 61 -22.53 8.41 33.67
CA GLY A 61 -21.95 7.10 33.90
C GLY A 61 -20.62 6.84 33.24
N GLY A 62 -19.97 7.88 32.76
CA GLY A 62 -18.68 7.78 32.09
C GLY A 62 -17.50 7.84 33.05
N LEU A 63 -16.33 7.74 32.45
CA LEU A 63 -15.04 7.78 33.14
C LEU A 63 -14.55 9.22 33.25
N GLY A 64 -15.06 10.05 32.36
CA GLY A 64 -14.72 11.48 32.29
C GLY A 64 -13.21 11.67 32.16
N LEU A 65 -12.61 10.82 31.34
CA LEU A 65 -11.14 10.89 31.10
C LEU A 65 -10.83 12.05 30.18
N GLY A 66 -9.57 12.45 30.17
CA GLY A 66 -9.10 13.57 29.34
C GLY A 66 -8.53 13.02 28.03
N ILE A 67 -8.10 13.95 27.19
CA ILE A 67 -7.52 13.64 25.88
C ILE A 67 -6.20 12.90 26.01
N ILE A 68 -5.45 13.17 27.06
CA ILE A 68 -4.16 12.49 27.28
C ILE A 68 -4.42 10.99 27.46
N ASP A 69 -5.48 10.71 28.20
CA ASP A 69 -5.94 9.36 28.51
C ASP A 69 -6.38 8.63 27.24
N SER A 70 -7.22 9.27 26.46
CA SER A 70 -7.72 8.71 25.20
C SER A 70 -6.57 8.27 24.29
N CYS A 71 -5.58 9.14 24.20
CA CYS A 71 -4.39 8.95 23.36
C CYS A 71 -3.61 7.72 23.82
N LEU A 72 -3.35 7.70 25.11
CA LEU A 72 -2.61 6.62 25.76
C LEU A 72 -3.23 5.27 25.43
N ILE A 73 -4.54 5.23 25.54
CA ILE A 73 -5.32 4.01 25.30
C ILE A 73 -5.27 3.63 23.83
N THR A 74 -5.62 4.58 22.99
CA THR A 74 -5.67 4.45 21.53
C THR A 74 -4.38 3.91 20.96
N GLU A 75 -3.27 4.46 21.46
CA GLU A 75 -1.96 4.00 20.94
C GLU A 75 -1.82 2.51 21.16
N GLU A 76 -2.31 2.02 22.28
CA GLU A 76 -2.24 0.59 22.61
C GLU A 76 -3.15 -0.26 21.73
N LEU A 77 -4.34 0.24 21.48
CA LEU A 77 -5.35 -0.43 20.65
C LEU A 77 -4.88 -0.52 19.19
N ALA A 78 -4.45 0.59 18.65
CA ALA A 78 -3.98 0.77 17.28
C ALA A 78 -2.82 -0.17 16.94
N TYR A 79 -2.05 -0.47 17.96
CA TYR A 79 -0.91 -1.40 17.83
C TYR A 79 -1.41 -2.76 17.35
N GLY A 80 -2.58 -3.11 17.82
CA GLY A 80 -3.25 -4.38 17.49
C GLY A 80 -3.82 -4.36 16.08
N CYS A 81 -4.75 -3.45 15.88
CA CYS A 81 -5.45 -3.25 14.61
C CYS A 81 -6.15 -1.89 14.62
N THR A 82 -5.83 -1.08 13.63
CA THR A 82 -6.44 0.27 13.53
C THR A 82 -7.78 0.16 12.80
N GLY A 83 -8.01 -1.06 12.36
CA GLY A 83 -9.34 -1.36 11.78
C GLY A 83 -10.38 -1.39 12.89
N VAL A 84 -9.99 -2.16 13.88
CA VAL A 84 -10.78 -2.28 15.12
C VAL A 84 -10.78 -0.98 15.91
N GLN A 85 -9.62 -0.37 16.04
CA GLN A 85 -9.48 0.88 16.81
C GLN A 85 -10.31 1.99 16.18
N THR A 86 -10.33 2.04 14.85
CA THR A 86 -11.11 3.09 14.14
C THR A 86 -12.58 2.98 14.48
N ALA A 87 -13.06 1.76 14.66
CA ALA A 87 -14.48 1.55 15.04
C ALA A 87 -14.74 2.26 16.37
N ILE A 88 -13.82 2.03 17.29
CA ILE A 88 -13.86 2.57 18.65
C ILE A 88 -13.80 4.09 18.69
N GLU A 89 -12.85 4.66 17.96
CA GLU A 89 -12.64 6.11 17.92
C GLU A 89 -13.79 6.86 17.29
N ALA A 90 -14.45 6.23 16.33
CA ALA A 90 -15.60 6.86 15.65
C ALA A 90 -16.66 7.23 16.70
N ASN A 91 -16.72 6.43 17.74
CA ASN A 91 -17.65 6.63 18.86
C ASN A 91 -17.35 7.96 19.57
N THR A 92 -16.09 8.16 19.90
CA THR A 92 -15.60 9.36 20.59
C THR A 92 -15.80 10.61 19.74
N LEU A 93 -15.76 10.41 18.44
CA LEU A 93 -15.93 11.46 17.44
C LEU A 93 -17.35 12.00 17.41
N GLY A 94 -18.34 11.12 17.48
CA GLY A 94 -19.75 11.52 17.47
C GLY A 94 -20.24 12.03 18.81
N GLN A 95 -19.53 11.67 19.86
CA GLN A 95 -19.82 12.02 21.24
C GLN A 95 -19.35 13.42 21.61
N VAL A 96 -18.14 13.74 21.20
CA VAL A 96 -17.52 15.05 21.51
C VAL A 96 -18.43 16.24 21.24
N PRO A 97 -19.01 16.32 20.06
CA PRO A 97 -19.91 17.42 19.70
C PRO A 97 -20.98 17.68 20.73
N LEU A 98 -21.52 16.73 21.27
CA LEU A 98 -22.56 16.52 22.29
C LEU A 98 -22.03 17.01 23.65
N ILE A 99 -20.75 16.65 23.95
CA ILE A 99 -20.01 17.03 25.14
C ILE A 99 -19.67 18.51 25.16
N ILE A 100 -19.28 19.05 24.00
CA ILE A 100 -18.91 20.48 23.95
C ILE A 100 -20.05 21.40 23.56
N GLY A 101 -21.13 20.91 22.98
CA GLY A 101 -22.22 21.79 22.55
C GLY A 101 -23.62 21.34 22.90
N GLY A 102 -23.77 20.30 23.69
CA GLY A 102 -25.09 19.78 24.08
C GLY A 102 -25.50 20.25 25.46
N ASN A 103 -26.80 20.17 25.72
CA ASN A 103 -27.31 20.57 27.06
C ASN A 103 -27.35 19.28 27.88
N TYR A 104 -27.78 19.42 29.12
CA TYR A 104 -27.84 18.28 30.04
C TYR A 104 -28.80 17.20 29.54
N GLN A 105 -29.93 17.61 29.05
CA GLN A 105 -30.96 16.68 28.56
C GLN A 105 -30.43 15.87 27.37
N GLN A 106 -29.79 16.57 26.46
CA GLN A 106 -29.20 15.95 25.26
C GLN A 106 -28.14 14.93 25.68
N GLN A 107 -27.22 15.36 26.52
CA GLN A 107 -26.13 14.49 26.99
C GLN A 107 -26.66 13.28 27.76
N LYS A 108 -27.55 13.55 28.69
CA LYS A 108 -28.15 12.51 29.53
C LYS A 108 -28.73 11.41 28.67
N LYS A 109 -29.52 11.81 27.68
CA LYS A 109 -30.20 10.90 26.76
C LYS A 109 -29.31 10.14 25.79
N TYR A 110 -28.50 10.86 25.03
CA TYR A 110 -27.63 10.29 24.01
C TYR A 110 -26.29 9.79 24.50
N LEU A 111 -25.71 10.42 25.50
CA LEU A 111 -24.42 9.96 26.06
C LEU A 111 -24.70 8.84 27.06
N GLY A 112 -25.76 9.02 27.82
CA GLY A 112 -26.22 8.09 28.85
C GLY A 112 -26.46 6.69 28.31
N ARG A 113 -27.02 6.59 27.12
CA ARG A 113 -27.28 5.28 26.50
C ARG A 113 -25.99 4.55 26.19
N MET A 114 -24.97 5.28 25.79
CA MET A 114 -23.67 4.70 25.41
C MET A 114 -22.99 4.00 26.58
N THR A 115 -23.39 4.42 27.76
CA THR A 115 -22.84 3.94 29.03
C THR A 115 -23.59 2.76 29.59
N GLU A 116 -24.77 2.51 29.04
CA GLU A 116 -25.65 1.42 29.45
C GLU A 116 -25.44 0.17 28.60
N GLU A 117 -25.40 0.36 27.29
CA GLU A 117 -25.23 -0.72 26.32
C GLU A 117 -24.08 -0.43 25.36
N PRO A 118 -23.53 -1.49 24.82
CA PRO A 118 -22.40 -1.40 23.88
C PRO A 118 -22.79 -0.84 22.52
N LEU A 119 -23.51 0.19 22.48
CA LEU A 119 -24.03 0.93 21.33
C LEU A 119 -22.89 1.71 20.65
N MET A 120 -23.02 2.01 19.38
CA MET A 120 -22.06 2.78 18.58
C MET A 120 -22.74 4.04 18.05
N CYS A 121 -21.93 5.00 17.62
CA CYS A 121 -22.43 6.27 17.04
C CYS A 121 -21.50 6.67 15.90
N ALA A 122 -21.90 7.67 15.14
CA ALA A 122 -21.08 8.13 14.00
C ALA A 122 -21.16 9.65 13.82
N TYR A 123 -20.15 10.17 13.15
CA TYR A 123 -19.99 11.61 12.85
C TYR A 123 -20.22 11.80 11.36
N CYS A 124 -21.29 12.51 11.02
CA CYS A 124 -21.71 12.71 9.63
C CYS A 124 -21.53 14.11 9.07
N VAL A 125 -20.36 14.37 8.52
CA VAL A 125 -20.02 15.67 7.91
C VAL A 125 -19.84 15.55 6.40
N THR A 126 -18.91 14.70 6.00
CA THR A 126 -18.50 14.42 4.65
C THR A 126 -19.62 13.98 3.72
N GLU A 127 -19.57 14.56 2.54
CA GLU A 127 -20.52 14.30 1.46
C GLU A 127 -19.78 13.91 0.20
N PRO A 128 -20.49 13.40 -0.78
CA PRO A 128 -19.88 12.98 -2.04
C PRO A 128 -19.08 14.10 -2.68
N GLY A 129 -19.64 15.30 -2.61
CA GLY A 129 -19.08 16.51 -3.18
C GLY A 129 -18.19 17.33 -2.30
N ALA A 130 -18.12 17.01 -1.02
CA ALA A 130 -17.26 17.79 -0.10
C ALA A 130 -16.87 17.01 1.14
N GLY A 131 -15.58 17.02 1.38
CA GLY A 131 -14.93 16.37 2.52
C GLY A 131 -14.02 17.41 3.21
N SER A 132 -12.96 17.77 2.51
CA SER A 132 -11.99 18.76 3.01
C SER A 132 -12.68 20.11 3.26
N ASP A 133 -13.52 20.49 2.33
CA ASP A 133 -14.28 21.75 2.33
C ASP A 133 -15.63 21.54 3.00
N VAL A 134 -15.62 21.72 4.38
CA VAL A 134 -16.89 21.39 5.04
C VAL A 134 -17.86 22.57 4.89
N ALA A 135 -17.35 23.73 4.37
CA ALA A 135 -18.22 24.87 4.05
C ALA A 135 -18.94 24.60 2.73
N GLY A 136 -18.51 23.55 2.05
CA GLY A 136 -19.09 23.15 0.77
C GLY A 136 -20.25 22.16 0.90
N ILE A 137 -20.56 21.73 2.12
CA ILE A 137 -21.65 20.75 2.31
C ILE A 137 -22.99 21.34 1.87
N LYS A 138 -23.86 20.15 1.34
CA LYS A 138 -25.06 20.74 0.75
C LYS A 138 -26.34 20.21 1.42
N THR A 139 -26.21 19.25 2.33
CA THR A 139 -27.40 18.71 3.02
C THR A 139 -28.03 19.80 3.90
N LYS A 140 -29.22 20.02 3.44
CA LYS A 140 -30.08 21.07 3.92
C LYS A 140 -30.90 20.64 5.13
N ALA A 141 -31.14 21.61 5.97
CA ALA A 141 -31.95 21.54 7.18
C ALA A 141 -32.91 22.73 7.11
N GLU A 142 -34.16 22.40 6.83
CA GLU A 142 -35.22 23.41 6.70
C GLU A 142 -36.17 23.33 7.89
N LYS A 143 -36.32 24.48 8.51
CA LYS A 143 -37.18 24.68 9.66
C LYS A 143 -38.65 24.59 9.22
N LYS A 144 -39.35 23.69 9.88
CA LYS A 144 -40.78 23.43 9.62
C LYS A 144 -41.47 23.33 10.98
N GLY A 145 -41.89 24.50 11.43
CA GLY A 145 -42.56 24.62 12.73
C GLY A 145 -41.58 24.33 13.87
N ASP A 146 -41.83 23.20 14.51
CA ASP A 146 -41.07 22.73 15.67
C ASP A 146 -40.06 21.65 15.35
N GLU A 147 -39.76 21.50 14.08
CA GLU A 147 -38.80 20.48 13.61
C GLU A 147 -38.07 20.97 12.37
N TYR A 148 -37.04 20.21 12.03
CA TYR A 148 -36.20 20.49 10.86
C TYR A 148 -36.32 19.32 9.88
N ILE A 149 -36.42 19.67 8.61
CA ILE A 149 -36.47 18.66 7.54
C ILE A 149 -35.06 18.60 6.94
N ILE A 150 -34.51 17.41 6.94
CA ILE A 150 -33.15 17.19 6.45
C ILE A 150 -33.12 16.35 5.18
N ASN A 151 -32.48 16.93 4.18
CA ASN A 151 -32.27 16.37 2.85
C ASN A 151 -30.79 16.53 2.47
N GLY A 152 -30.22 15.40 2.06
CA GLY A 152 -28.82 15.36 1.64
C GLY A 152 -28.29 13.93 1.69
N GLN A 153 -27.01 13.82 1.39
CA GLN A 153 -26.27 12.57 1.37
C GLN A 153 -24.92 12.73 2.06
N LYS A 154 -24.61 11.74 2.89
CA LYS A 154 -23.29 11.73 3.58
C LYS A 154 -22.53 10.54 2.99
N MET A 155 -21.23 10.69 2.90
CA MET A 155 -20.36 9.63 2.34
C MET A 155 -19.18 9.36 3.27
N TRP A 156 -18.73 8.12 3.20
CA TRP A 156 -17.61 7.60 3.96
C TRP A 156 -17.83 7.75 5.46
N ILE A 157 -18.93 7.25 5.99
CA ILE A 157 -19.20 7.38 7.43
C ILE A 157 -18.83 6.11 8.20
N THR A 158 -17.89 6.29 9.11
CA THR A 158 -17.41 5.21 10.00
C THR A 158 -18.52 4.86 10.98
N ASN A 159 -18.88 3.60 11.03
CA ASN A 159 -19.94 3.09 11.90
C ASN A 159 -21.33 3.46 11.32
N GLY A 160 -21.32 3.95 10.11
CA GLY A 160 -22.50 4.40 9.39
C GLY A 160 -23.67 3.44 9.39
N GLY A 161 -23.36 2.15 9.33
CA GLY A 161 -24.40 1.12 9.29
C GLY A 161 -24.58 0.41 10.62
N LYS A 162 -23.86 0.86 11.63
CA LYS A 162 -23.86 0.27 12.96
C LYS A 162 -24.16 1.22 14.10
N ALA A 163 -24.43 2.48 13.79
CA ALA A 163 -24.69 3.49 14.82
C ALA A 163 -26.16 3.60 15.20
N ASN A 164 -26.34 3.91 16.49
CA ASN A 164 -27.65 4.10 17.11
C ASN A 164 -28.17 5.50 16.76
N TRP A 165 -27.24 6.44 16.77
CA TRP A 165 -27.53 7.85 16.45
C TRP A 165 -26.32 8.43 15.72
N TYR A 166 -26.55 9.55 15.06
CA TYR A 166 -25.55 10.28 14.31
C TYR A 166 -25.47 11.76 14.71
N PHE A 167 -24.18 12.23 14.70
CA PHE A 167 -24.05 13.70 14.64
C PHE A 167 -24.02 14.14 13.20
N LEU A 168 -24.82 15.10 12.89
CA LEU A 168 -25.12 15.46 11.49
C LEU A 168 -24.92 16.98 11.33
N LEU A 169 -23.99 17.33 10.40
CA LEU A 169 -23.75 18.76 10.10
C LEU A 169 -24.54 19.06 8.83
N ALA A 170 -25.39 20.06 8.94
CA ALA A 170 -26.25 20.46 7.81
C ALA A 170 -26.23 21.97 7.63
N ARG A 171 -26.54 22.35 6.40
CA ARG A 171 -26.65 23.76 6.01
C ARG A 171 -28.07 24.22 6.35
N SER A 172 -28.15 25.21 7.21
CA SER A 172 -29.46 25.74 7.63
C SER A 172 -29.69 27.13 7.04
N ASP A 173 -28.62 27.80 6.66
CA ASP A 173 -28.75 29.13 6.03
C ASP A 173 -28.63 28.95 4.51
N PRO A 174 -29.76 29.17 3.84
CA PRO A 174 -29.86 29.04 2.39
C PRO A 174 -29.07 30.07 1.61
N ASP A 175 -28.85 31.22 2.21
CA ASP A 175 -28.09 32.32 1.58
C ASP A 175 -26.66 31.84 1.31
N PRO A 176 -26.28 31.85 0.04
CA PRO A 176 -24.96 31.43 -0.42
C PRO A 176 -23.83 32.30 0.09
N LYS A 177 -24.17 33.54 0.38
CA LYS A 177 -23.21 34.56 0.86
C LYS A 177 -23.13 34.56 2.38
N ALA A 178 -23.80 33.61 3.00
CA ALA A 178 -23.80 33.47 4.47
C ALA A 178 -22.44 32.86 4.86
N PRO A 179 -21.87 33.40 5.92
CA PRO A 179 -20.57 32.95 6.43
C PRO A 179 -20.69 31.60 7.11
N ALA A 180 -19.61 30.84 7.03
CA ALA A 180 -19.51 29.50 7.60
C ALA A 180 -19.91 29.45 9.07
N SER A 181 -19.51 30.46 9.82
CA SER A 181 -19.77 30.55 11.26
C SER A 181 -21.24 30.65 11.60
N LYS A 182 -22.07 30.93 10.61
CA LYS A 182 -23.52 31.07 10.87
C LYS A 182 -24.42 30.30 9.93
N ALA A 183 -23.87 29.61 8.96
CA ALA A 183 -24.67 28.88 7.97
C ALA A 183 -24.95 27.43 8.26
N PHE A 184 -24.40 26.85 9.29
CA PHE A 184 -24.57 25.41 9.59
C PHE A 184 -25.09 25.13 10.99
N THR A 185 -25.87 24.06 11.04
CA THR A 185 -26.49 23.57 12.28
C THR A 185 -26.13 22.10 12.51
N GLY A 186 -25.80 21.80 13.76
CA GLY A 186 -25.42 20.46 14.22
C GLY A 186 -26.66 19.81 14.84
N PHE A 187 -26.88 18.56 14.46
CA PHE A 187 -28.03 17.80 14.96
C PHE A 187 -27.59 16.41 15.45
N ILE A 188 -28.41 15.98 16.44
CA ILE A 188 -28.24 14.55 16.73
C ILE A 188 -29.50 13.79 16.28
N VAL A 189 -29.20 12.82 15.37
CA VAL A 189 -30.21 12.11 14.58
C VAL A 189 -30.12 10.62 14.87
N GLU A 190 -31.29 10.06 15.17
CA GLU A 190 -31.42 8.63 15.47
C GLU A 190 -31.51 7.89 14.14
N ALA A 191 -30.70 6.88 14.03
CA ALA A 191 -30.56 6.02 12.88
C ALA A 191 -31.85 5.36 12.42
N ASP A 192 -32.79 5.21 13.33
CA ASP A 192 -34.07 4.54 13.01
C ASP A 192 -35.12 5.53 12.50
N THR A 193 -34.74 6.78 12.33
CA THR A 193 -35.63 7.82 11.83
C THR A 193 -35.96 7.56 10.35
N PRO A 194 -37.24 7.53 10.06
CA PRO A 194 -37.72 7.32 8.69
C PRO A 194 -37.06 8.35 7.78
N GLY A 195 -36.52 7.86 6.68
CA GLY A 195 -35.86 8.70 5.67
C GLY A 195 -34.37 8.47 5.59
N VAL A 196 -33.79 7.88 6.65
CA VAL A 196 -32.34 7.61 6.61
C VAL A 196 -32.19 6.27 5.87
N GLN A 197 -31.44 6.38 4.79
CA GLN A 197 -31.15 5.26 3.89
C GLN A 197 -29.66 4.98 3.88
N ILE A 198 -29.32 4.00 4.70
CA ILE A 198 -27.94 3.51 4.84
C ILE A 198 -27.58 2.73 3.57
N GLY A 199 -26.42 3.02 3.04
CA GLY A 199 -25.92 2.35 1.83
C GLY A 199 -25.19 1.06 2.20
N ARG A 200 -24.68 0.44 1.16
CA ARG A 200 -23.92 -0.80 1.23
C ARG A 200 -22.58 -0.53 1.94
N LYS A 201 -21.97 -1.58 2.42
CA LYS A 201 -20.65 -1.51 3.05
C LYS A 201 -19.65 -1.31 1.91
N GLU A 202 -18.77 -0.35 2.09
CA GLU A 202 -17.74 -0.01 1.09
C GLU A 202 -16.46 -0.79 1.34
N ILE A 203 -15.95 -1.35 0.25
CA ILE A 203 -14.72 -2.14 0.23
C ILE A 203 -13.53 -1.22 -0.05
N ASN A 204 -12.67 -1.08 0.94
CA ASN A 204 -11.50 -0.22 0.85
C ASN A 204 -10.23 -1.09 0.93
N MET A 205 -9.12 -0.41 0.70
CA MET A 205 -7.80 -1.03 0.73
C MET A 205 -7.40 -1.49 2.12
N GLY A 206 -7.74 -0.69 3.13
CA GLY A 206 -7.36 -0.97 4.51
C GLY A 206 -8.45 -0.72 5.52
N GLN A 207 -8.12 -1.09 6.75
CA GLN A 207 -9.06 -0.97 7.89
C GLN A 207 -10.38 -1.59 7.44
N ARG A 208 -10.22 -2.74 6.78
CA ARG A 208 -11.33 -3.47 6.17
C ARG A 208 -12.39 -3.94 7.12
N CYS A 209 -12.08 -4.16 8.38
CA CYS A 209 -13.10 -4.64 9.34
C CYS A 209 -13.96 -3.46 9.82
N SER A 210 -13.49 -2.26 9.53
CA SER A 210 -14.23 -1.02 9.89
C SER A 210 -15.43 -0.87 8.94
N ASP A 211 -16.51 -0.38 9.52
CA ASP A 211 -17.76 -0.15 8.75
C ASP A 211 -17.76 1.30 8.26
N THR A 212 -17.75 1.42 6.93
CA THR A 212 -17.87 2.79 6.41
C THR A 212 -18.80 2.79 5.17
N ARG A 213 -19.82 3.63 5.30
CA ARG A 213 -20.92 3.66 4.32
C ARG A 213 -21.38 5.05 3.96
N GLY A 214 -22.19 5.10 2.90
CA GLY A 214 -22.80 6.34 2.41
C GLY A 214 -24.22 6.33 3.02
N ILE A 215 -24.78 7.49 3.26
CA ILE A 215 -26.11 7.63 3.83
C ILE A 215 -26.90 8.77 3.17
N VAL A 216 -28.10 8.39 2.76
CA VAL A 216 -29.06 9.31 2.13
C VAL A 216 -30.05 9.75 3.21
N PHE A 217 -30.41 11.02 3.17
CA PHE A 217 -31.36 11.59 4.13
C PHE A 217 -32.45 12.30 3.31
N GLU A 218 -33.65 11.54 3.14
CA GLU A 218 -34.66 12.33 2.42
C GLU A 218 -35.91 12.54 3.30
N ASP A 219 -36.16 13.85 3.42
CA ASP A 219 -37.25 14.39 4.23
C ASP A 219 -37.23 13.85 5.66
N VAL A 220 -36.04 13.78 6.21
CA VAL A 220 -35.82 13.29 7.58
C VAL A 220 -36.24 14.36 8.58
N ARG A 221 -37.17 13.99 9.45
CA ARG A 221 -37.72 14.87 10.48
C ARG A 221 -36.97 14.76 11.80
N VAL A 222 -36.48 15.91 12.24
CA VAL A 222 -35.73 16.01 13.50
C VAL A 222 -36.33 17.11 14.36
N PRO A 223 -36.65 16.74 15.59
CA PRO A 223 -37.22 17.70 16.55
C PRO A 223 -36.18 18.77 16.82
N LYS A 224 -36.65 19.97 17.09
CA LYS A 224 -35.79 21.13 17.35
C LYS A 224 -34.96 20.94 18.60
N GLU A 225 -35.37 20.02 19.45
CA GLU A 225 -34.68 19.70 20.70
C GLU A 225 -33.44 18.86 20.48
N ASN A 226 -33.20 18.53 19.22
CA ASN A 226 -32.04 17.70 18.82
C ASN A 226 -30.95 18.60 18.21
N VAL A 227 -31.28 19.90 18.10
CA VAL A 227 -30.31 20.92 17.67
C VAL A 227 -29.32 21.09 18.82
N LEU A 228 -28.06 20.99 18.52
CA LEU A 228 -27.02 20.98 19.53
C LEU A 228 -26.92 22.29 20.36
N THR A 229 -26.52 23.42 19.82
CA THR A 229 -26.41 24.59 20.70
C THR A 229 -27.42 25.65 20.25
N GLY A 230 -27.53 25.74 18.96
CA GLY A 230 -28.44 26.68 18.31
C GLY A 230 -28.18 26.65 16.81
N GLU A 231 -29.16 27.16 16.16
CA GLU A 231 -29.12 27.28 14.70
C GLU A 231 -27.97 28.21 14.33
N GLY A 232 -27.05 27.71 13.53
CA GLY A 232 -25.87 28.46 13.09
C GLY A 232 -24.59 28.11 13.82
N ALA A 233 -24.66 27.48 14.97
CA ALA A 233 -23.49 27.14 15.77
C ALA A 233 -22.78 25.88 15.28
N GLY A 234 -23.25 25.31 14.19
CA GLY A 234 -22.72 24.09 13.60
C GLY A 234 -21.24 24.08 13.29
N PHE A 235 -20.81 25.07 12.54
CA PHE A 235 -19.41 25.18 12.10
C PHE A 235 -18.44 25.12 13.27
N LYS A 236 -18.66 25.93 14.29
CA LYS A 236 -17.81 26.02 15.47
C LYS A 236 -17.76 24.74 16.29
N ILE A 237 -18.84 23.99 16.34
CA ILE A 237 -18.84 22.73 17.12
C ILE A 237 -17.94 21.71 16.41
N ALA A 238 -18.02 21.73 15.09
CA ALA A 238 -17.25 20.84 14.22
C ALA A 238 -15.74 21.08 14.36
N MET A 239 -15.34 22.33 14.25
CA MET A 239 -13.92 22.72 14.37
C MET A 239 -13.45 22.45 15.80
N GLY A 240 -14.34 22.74 16.74
CA GLY A 240 -14.06 22.53 18.17
C GLY A 240 -13.78 21.05 18.41
N THR A 241 -14.49 20.22 17.67
CA THR A 241 -14.38 18.78 17.77
C THR A 241 -13.05 18.24 17.27
N PHE A 242 -12.59 18.73 16.13
CA PHE A 242 -11.33 18.28 15.53
C PHE A 242 -10.13 18.51 16.46
N ASP A 243 -10.21 19.56 17.24
CA ASP A 243 -9.09 19.90 18.15
C ASP A 243 -8.92 18.83 19.22
N LYS A 244 -10.02 18.33 19.74
CA LYS A 244 -10.01 17.31 20.79
C LYS A 244 -9.74 15.90 20.26
N THR A 245 -9.97 15.76 19.01
CA THR A 245 -10.18 14.49 18.31
C THR A 245 -9.01 14.25 17.34
N ARG A 246 -8.21 15.24 16.93
CA ARG A 246 -6.99 15.12 16.10
C ARG A 246 -5.88 14.40 16.85
N PRO A 247 -5.64 14.72 18.11
CA PRO A 247 -4.60 14.05 18.92
C PRO A 247 -4.73 12.54 18.97
N PRO A 248 -5.90 12.00 19.28
CA PRO A 248 -6.13 10.55 19.33
C PRO A 248 -5.96 9.87 17.99
N VAL A 249 -6.23 10.57 16.88
CA VAL A 249 -6.04 9.93 15.56
C VAL A 249 -4.53 9.83 15.32
N ALA A 250 -3.81 10.82 15.81
CA ALA A 250 -2.35 10.84 15.71
C ALA A 250 -1.75 9.65 16.47
N ALA A 251 -2.26 9.44 17.67
CA ALA A 251 -1.84 8.35 18.55
C ALA A 251 -2.11 6.97 17.93
N GLY A 252 -3.15 6.89 17.12
CA GLY A 252 -3.54 5.65 16.43
C GLY A 252 -2.50 5.33 15.36
N ALA A 253 -1.96 6.44 14.85
CA ALA A 253 -1.01 6.34 13.73
C ALA A 253 0.38 5.93 14.24
N VAL A 254 0.72 6.35 15.45
CA VAL A 254 2.03 6.00 16.04
C VAL A 254 1.96 4.65 16.76
N GLY A 255 0.72 4.06 16.94
CA GLY A 255 0.48 2.68 17.38
C GLY A 255 0.76 1.73 16.20
N LEU A 256 0.36 2.02 15.07
CA LEU A 256 0.45 1.26 13.81
C LEU A 256 1.87 1.40 13.25
N ALA A 257 2.59 2.50 13.75
CA ALA A 257 4.03 2.69 13.49
C ALA A 257 4.88 1.89 14.46
N GLN A 258 4.41 1.79 15.69
CA GLN A 258 5.13 1.03 16.75
C GLN A 258 5.10 -0.46 16.38
N ARG A 259 3.93 -0.89 15.93
CA ARG A 259 3.71 -2.28 15.49
C ARG A 259 4.66 -2.60 14.34
N ALA A 260 4.66 -1.74 13.33
CA ALA A 260 5.53 -1.89 12.16
C ALA A 260 6.98 -2.02 12.58
N LEU A 261 7.38 -1.18 13.53
CA LEU A 261 8.74 -1.15 14.05
C LEU A 261 9.09 -2.43 14.84
N ASP A 262 8.13 -2.89 15.62
CA ASP A 262 8.31 -4.11 16.43
C ASP A 262 8.48 -5.31 15.49
N GLU A 263 7.60 -5.39 14.52
CA GLU A 263 7.65 -6.52 13.56
C GLU A 263 8.95 -6.57 12.78
N ALA A 264 9.35 -5.43 12.23
CA ALA A 264 10.58 -5.28 11.46
C ALA A 264 11.82 -5.62 12.30
N THR A 265 11.84 -5.14 13.53
CA THR A 265 12.97 -5.36 14.45
C THR A 265 13.12 -6.84 14.76
N LYS A 266 12.00 -7.44 15.16
CA LYS A 266 11.99 -8.87 15.50
C LYS A 266 12.51 -9.68 14.31
N TYR A 267 12.06 -9.33 13.12
CA TYR A 267 12.47 -10.02 11.89
C TYR A 267 13.94 -9.81 11.57
N ALA A 268 14.43 -8.60 11.81
CA ALA A 268 15.83 -8.25 11.53
C ALA A 268 16.80 -8.99 12.46
N LEU A 269 16.28 -9.48 13.55
CA LEU A 269 17.04 -10.20 14.57
C LEU A 269 16.97 -11.70 14.38
N GLU A 270 16.35 -12.16 13.30
CA GLU A 270 16.19 -13.58 13.01
C GLU A 270 16.71 -13.97 11.64
N ARG A 271 16.33 -13.20 10.64
CA ARG A 271 16.73 -13.47 9.24
C ARG A 271 18.22 -13.19 9.07
N LYS A 272 18.81 -14.04 8.24
CA LYS A 272 20.23 -13.98 7.91
C LYS A 272 20.41 -13.94 6.38
N THR A 273 21.40 -13.16 6.00
CA THR A 273 21.82 -12.95 4.63
C THR A 273 23.32 -12.61 4.62
N PHE A 274 24.01 -13.27 3.71
CA PHE A 274 25.45 -13.05 3.55
C PHE A 274 26.18 -13.34 4.84
N GLY A 275 25.68 -14.31 5.58
CA GLY A 275 26.27 -14.75 6.84
C GLY A 275 25.96 -13.92 8.07
N LYS A 276 25.29 -12.79 7.93
CA LYS A 276 24.94 -11.93 9.07
C LYS A 276 23.42 -11.77 9.18
N LEU A 277 23.03 -11.59 10.34
CA LEU A 277 21.70 -11.18 10.84
C LEU A 277 21.35 -9.84 10.18
N LEU A 278 20.14 -9.63 9.67
CA LEU A 278 19.75 -8.40 8.97
C LEU A 278 20.16 -7.16 9.77
N ALA A 279 19.98 -7.23 11.07
CA ALA A 279 20.28 -6.10 11.97
C ALA A 279 21.76 -5.74 11.95
N GLU A 280 22.57 -6.66 11.48
CA GLU A 280 24.02 -6.48 11.42
C GLU A 280 24.51 -5.77 10.18
N HIS A 281 23.61 -5.67 9.19
CA HIS A 281 24.00 -4.86 8.03
C HIS A 281 23.68 -3.40 8.31
N GLN A 282 24.74 -2.62 8.28
CA GLN A 282 24.67 -1.20 8.67
C GLN A 282 23.53 -0.52 7.93
N GLY A 283 23.36 -0.94 6.69
CA GLY A 283 22.26 -0.43 5.84
C GLY A 283 20.95 -0.55 6.62
N ILE A 284 20.69 -1.73 7.17
CA ILE A 284 19.46 -2.01 7.92
C ILE A 284 19.44 -1.37 9.31
N SER A 285 20.55 -1.41 10.02
CA SER A 285 20.60 -0.81 11.37
C SER A 285 20.24 0.68 11.30
N PHE A 286 20.71 1.34 10.26
CA PHE A 286 20.44 2.78 10.03
C PHE A 286 18.94 2.99 9.76
N LEU A 287 18.37 2.10 8.99
CA LEU A 287 16.93 2.16 8.65
C LEU A 287 16.09 2.02 9.91
N LEU A 288 16.48 1.05 10.73
CA LEU A 288 15.80 0.77 12.01
C LEU A 288 15.88 1.99 12.92
N ALA A 289 17.04 2.63 12.93
CA ALA A 289 17.27 3.81 13.77
C ALA A 289 16.37 4.97 13.36
N ASP A 290 16.24 5.15 12.05
CA ASP A 290 15.39 6.27 11.55
C ASP A 290 13.95 6.01 11.93
N MET A 291 13.57 4.75 11.90
CA MET A 291 12.22 4.30 12.24
C MET A 291 11.91 4.62 13.69
N ALA A 292 12.79 4.27 14.59
CA ALA A 292 12.63 4.50 16.03
C ALA A 292 12.54 5.99 16.32
N MET A 293 13.37 6.76 15.64
CA MET A 293 13.43 8.22 15.75
C MET A 293 12.05 8.85 15.52
N LYS A 294 11.42 8.45 14.44
CA LYS A 294 10.11 8.95 14.02
C LYS A 294 8.98 8.54 14.95
N VAL A 295 9.04 7.34 15.47
CA VAL A 295 7.99 6.86 16.38
C VAL A 295 7.99 7.70 17.66
N GLU A 296 9.18 7.91 18.19
CA GLU A 296 9.40 8.71 19.40
C GLU A 296 8.97 10.17 19.22
N LEU A 297 9.26 10.67 18.04
CA LEU A 297 8.94 12.06 17.68
C LEU A 297 7.44 12.26 17.56
N ALA A 298 6.78 11.32 16.89
CA ALA A 298 5.32 11.38 16.68
C ALA A 298 4.57 11.23 17.99
N ARG A 299 5.06 10.37 18.85
CA ARG A 299 4.46 10.13 20.18
C ARG A 299 4.49 11.41 21.00
N LEU A 300 5.63 12.06 20.94
CA LEU A 300 5.87 13.33 21.67
C LEU A 300 4.90 14.40 21.19
N SER A 301 4.65 14.45 19.88
CA SER A 301 3.77 15.47 19.31
C SER A 301 2.32 15.34 19.74
N TYR A 302 1.80 14.13 19.78
CA TYR A 302 0.38 13.96 20.22
C TYR A 302 0.28 14.25 21.72
N GLN A 303 1.35 13.93 22.45
CA GLN A 303 1.36 14.15 23.90
C GLN A 303 1.20 15.65 24.19
N ARG A 304 1.96 16.43 23.45
CA ARG A 304 1.97 17.88 23.55
C ARG A 304 0.60 18.47 23.24
N ALA A 305 0.02 18.01 22.15
CA ALA A 305 -1.29 18.46 21.67
C ALA A 305 -2.42 18.12 22.64
N ALA A 306 -2.31 16.95 23.24
CA ALA A 306 -3.29 16.44 24.21
C ALA A 306 -3.22 17.24 25.51
N TRP A 307 -2.01 17.43 26.00
CA TRP A 307 -1.77 18.18 27.24
C TRP A 307 -2.36 19.58 27.13
N GLU A 308 -2.15 20.17 25.97
CA GLU A 308 -2.60 21.54 25.67
C GLU A 308 -4.09 21.70 25.87
N ILE A 309 -4.86 20.87 25.18
CA ILE A 309 -6.33 20.93 25.25
C ILE A 309 -6.82 20.56 26.64
N ASP A 310 -6.12 19.65 27.31
CA ASP A 310 -6.52 19.22 28.66
C ASP A 310 -6.31 20.38 29.64
N SER A 311 -5.36 21.23 29.28
CA SER A 311 -4.99 22.40 30.09
C SER A 311 -5.99 23.54 29.95
N GLY A 312 -6.96 23.35 29.07
CA GLY A 312 -8.01 24.31 28.80
C GLY A 312 -7.76 25.27 27.68
N ARG A 313 -6.67 25.10 26.95
CA ARG A 313 -6.33 25.99 25.84
C ARG A 313 -6.52 25.35 24.47
N ARG A 314 -6.82 26.20 23.51
CA ARG A 314 -7.02 25.82 22.09
C ARG A 314 -5.68 25.29 21.56
N ASN A 315 -5.68 24.09 21.05
CA ASN A 315 -4.51 23.38 20.56
C ASN A 315 -4.46 23.14 19.06
N THR A 316 -5.19 23.92 18.28
CA THR A 316 -5.26 23.76 16.83
C THR A 316 -3.90 23.53 16.20
N TYR A 317 -2.96 24.40 16.51
CA TYR A 317 -1.59 24.35 15.98
C TYR A 317 -0.87 23.05 16.29
N TYR A 318 -0.91 22.63 17.53
CA TYR A 318 -0.22 21.41 17.98
C TYR A 318 -0.92 20.13 17.52
N ALA A 319 -2.23 20.16 17.47
CA ALA A 319 -3.07 19.05 17.07
C ALA A 319 -2.82 18.69 15.60
N SER A 320 -2.76 19.71 14.77
CA SER A 320 -2.54 19.55 13.33
C SER A 320 -1.10 19.11 13.02
N ILE A 321 -0.18 19.56 13.87
CA ILE A 321 1.23 19.15 13.70
C ILE A 321 1.33 17.64 13.95
N ALA A 322 0.68 17.21 15.03
CA ALA A 322 0.70 15.82 15.45
C ALA A 322 -0.02 14.92 14.44
N LYS A 323 -1.16 15.38 13.97
CA LYS A 323 -1.96 14.61 13.00
C LYS A 323 -1.17 14.43 11.71
N ALA A 324 -0.61 15.50 11.22
CA ALA A 324 0.17 15.56 10.00
C ALA A 324 1.47 14.76 10.05
N TYR A 325 2.20 14.90 11.14
CA TYR A 325 3.48 14.21 11.28
C TYR A 325 3.32 12.72 11.54
N ALA A 326 2.41 12.37 12.45
CA ALA A 326 2.17 10.95 12.76
C ALA A 326 1.72 10.19 11.51
N ALA A 327 0.81 10.79 10.77
CA ALA A 327 0.23 10.27 9.54
C ALA A 327 1.29 9.88 8.52
N ASP A 328 2.22 10.81 8.31
CA ASP A 328 3.33 10.62 7.36
C ASP A 328 4.25 9.48 7.77
N ILE A 329 4.70 9.50 9.02
CA ILE A 329 5.66 8.48 9.48
C ILE A 329 5.03 7.11 9.62
N ALA A 330 3.73 7.06 9.79
CA ALA A 330 3.05 5.75 9.89
C ALA A 330 3.19 5.07 8.51
N ASN A 331 3.04 5.93 7.51
CA ASN A 331 3.12 5.47 6.10
C ASN A 331 4.54 5.10 5.71
N GLN A 332 5.51 5.80 6.26
CA GLN A 332 6.94 5.54 5.94
C GLN A 332 7.40 4.24 6.59
N LEU A 333 6.99 4.06 7.83
CA LEU A 333 7.34 2.87 8.62
C LEU A 333 6.69 1.62 8.06
N ALA A 334 5.44 1.69 7.65
CA ALA A 334 4.70 0.56 7.07
C ALA A 334 5.43 -0.02 5.85
N THR A 335 5.88 0.87 4.98
CA THR A 335 6.58 0.45 3.75
C THR A 335 7.99 -0.03 4.05
N ASP A 336 8.66 0.57 5.02
CA ASP A 336 10.03 0.17 5.38
C ASP A 336 9.99 -1.19 6.09
N ALA A 337 8.89 -1.43 6.78
CA ALA A 337 8.73 -2.70 7.52
C ALA A 337 8.55 -3.85 6.53
N VAL A 338 7.78 -3.59 5.49
CA VAL A 338 7.53 -4.57 4.41
C VAL A 338 8.87 -4.87 3.73
N GLN A 339 9.74 -3.84 3.85
CA GLN A 339 11.00 -3.85 3.09
C GLN A 339 12.03 -4.79 3.74
N VAL A 340 12.17 -4.71 5.06
CA VAL A 340 13.13 -5.57 5.79
C VAL A 340 12.61 -7.00 5.88
N PHE A 341 11.28 -7.25 5.61
CA PHE A 341 10.74 -8.63 5.51
C PHE A 341 11.07 -9.24 4.14
N GLY A 342 11.46 -8.40 3.20
CA GLY A 342 11.79 -8.86 1.83
C GLY A 342 10.51 -9.41 1.19
N GLY A 343 10.66 -10.52 0.49
CA GLY A 343 9.61 -11.20 -0.23
C GLY A 343 8.42 -11.58 0.61
N ASN A 344 8.65 -11.98 1.83
CA ASN A 344 7.61 -12.39 2.79
C ASN A 344 6.74 -11.19 3.20
N GLY A 345 7.31 -10.02 3.09
CA GLY A 345 6.65 -8.77 3.47
C GLY A 345 5.52 -8.42 2.52
N PHE A 346 5.62 -8.94 1.31
CA PHE A 346 4.62 -8.72 0.25
C PHE A 346 3.50 -9.76 0.37
N ASN A 347 3.78 -10.78 1.16
CA ASN A 347 2.87 -11.91 1.36
C ASN A 347 1.91 -11.66 2.54
N THR A 348 0.73 -12.17 2.31
CA THR A 348 -0.44 -12.10 3.19
C THR A 348 -0.33 -12.91 4.46
N GLU A 349 0.65 -13.80 4.56
CA GLU A 349 0.83 -14.64 5.75
C GLU A 349 1.69 -13.95 6.80
N TYR A 350 2.31 -12.86 6.38
CA TYR A 350 3.13 -12.02 7.29
C TYR A 350 2.29 -10.79 7.60
N PRO A 351 2.51 -10.22 8.78
CA PRO A 351 1.73 -9.11 9.29
C PRO A 351 1.96 -7.71 8.82
N VAL A 352 2.98 -7.42 8.03
CA VAL A 352 3.26 -6.04 7.62
C VAL A 352 2.54 -5.52 6.40
N GLU A 353 2.01 -6.45 5.39
CA GLU A 353 1.40 -5.75 4.25
C GLU A 353 0.06 -5.14 4.66
N LYS A 354 -0.58 -5.66 5.71
CA LYS A 354 -1.84 -5.11 6.23
C LYS A 354 -1.60 -3.70 6.77
N LEU A 355 -0.51 -3.56 7.47
CA LEU A 355 -0.05 -2.31 8.08
C LEU A 355 0.08 -1.23 7.01
N MET A 356 0.63 -1.64 5.87
CA MET A 356 0.82 -0.74 4.74
C MET A 356 -0.52 -0.25 4.18
N ARG A 357 -1.46 -1.18 4.06
CA ARG A 357 -2.80 -0.85 3.52
C ARG A 357 -3.60 0.00 4.51
N ASP A 358 -3.47 -0.32 5.78
CA ASP A 358 -4.11 0.37 6.89
C ASP A 358 -3.60 1.82 6.99
N ALA A 359 -2.29 1.98 7.00
CA ALA A 359 -1.67 3.29 7.17
C ALA A 359 -2.11 4.39 6.23
N LYS A 360 -2.37 4.13 4.97
CA LYS A 360 -2.72 5.18 3.99
C LYS A 360 -3.84 6.11 4.39
N ILE A 361 -4.86 5.65 5.09
CA ILE A 361 -6.01 6.48 5.48
C ILE A 361 -5.64 7.64 6.37
N TYR A 362 -4.61 7.47 7.17
CA TYR A 362 -4.17 8.48 8.13
C TYR A 362 -3.80 9.79 7.46
N GLN A 363 -3.41 9.73 6.20
CA GLN A 363 -3.05 10.92 5.44
C GLN A 363 -4.29 11.54 4.76
N ILE A 364 -5.44 10.92 4.96
CA ILE A 364 -6.69 11.38 4.35
C ILE A 364 -7.80 11.79 5.29
N TYR A 365 -8.27 10.92 6.16
CA TYR A 365 -9.40 11.25 7.06
C TYR A 365 -8.97 12.09 8.26
N GLU A 366 -9.95 12.85 8.73
CA GLU A 366 -9.77 13.75 9.88
C GLU A 366 -8.86 14.91 9.50
N GLY A 367 -8.96 15.31 8.24
CA GLY A 367 -8.13 16.42 7.75
C GLY A 367 -6.88 15.86 7.09
N THR A 368 -6.95 15.88 5.90
CA THR A 368 -6.04 15.55 4.81
C THR A 368 -4.66 16.17 5.08
N ALA A 369 -3.54 15.49 4.69
CA ALA A 369 -2.18 15.98 4.92
C ALA A 369 -2.03 17.43 4.45
N GLN A 370 -2.66 17.74 3.33
CA GLN A 370 -2.61 19.09 2.74
C GLN A 370 -3.36 20.08 3.62
N ILE A 371 -4.56 19.70 4.05
CA ILE A 371 -5.39 20.53 4.93
C ILE A 371 -4.68 20.81 6.25
N GLN A 372 -3.85 19.90 6.69
CA GLN A 372 -3.11 20.06 7.96
C GLN A 372 -2.07 21.17 7.81
N ARG A 373 -1.47 21.25 6.63
CA ARG A 373 -0.46 22.26 6.33
C ARG A 373 -1.12 23.65 6.28
N ILE A 374 -2.34 23.70 5.75
CA ILE A 374 -3.10 24.94 5.65
C ILE A 374 -3.32 25.55 7.03
N ILE A 375 -3.73 24.71 7.96
CA ILE A 375 -4.01 25.03 9.35
C ILE A 375 -2.76 25.48 10.10
N ILE A 376 -1.69 24.71 9.95
CA ILE A 376 -0.41 25.02 10.60
C ILE A 376 0.06 26.40 10.15
N ALA A 377 0.00 26.61 8.85
CA ALA A 377 0.43 27.87 8.22
C ALA A 377 -0.36 29.04 8.79
N ARG A 378 -1.67 28.87 8.81
CA ARG A 378 -2.60 29.88 9.30
C ARG A 378 -2.29 30.21 10.77
N GLU A 379 -2.15 29.16 11.55
CA GLU A 379 -1.85 29.27 12.98
C GLU A 379 -0.48 29.86 13.21
N HIS A 380 0.48 29.38 12.44
CA HIS A 380 1.87 29.87 12.53
C HIS A 380 1.94 31.37 12.23
N ILE A 381 1.48 31.74 11.04
CA ILE A 381 1.49 33.11 10.55
C ILE A 381 0.83 34.12 11.46
N GLY A 382 -0.24 33.73 12.11
CA GLY A 382 -0.98 34.57 13.03
C GLY A 382 -0.21 35.05 14.24
N ARG A 383 0.98 34.51 14.44
CA ARG A 383 1.84 34.87 15.58
C ARG A 383 2.85 35.96 15.21
N TYR A 384 2.84 36.33 13.96
CA TYR A 384 3.74 37.36 13.42
C TYR A 384 2.89 38.53 12.92
N LYS A 385 1.72 38.13 12.48
CA LYS A 385 0.70 39.02 11.93
C LYS A 385 -0.29 39.36 13.04
N GLY B 1 26.10 10.72 -32.04
CA GLY B 1 25.29 11.88 -31.61
C GLY B 1 24.03 11.37 -30.90
N PHE B 2 23.52 12.21 -30.04
CA PHE B 2 22.34 11.94 -29.21
C PHE B 2 21.09 11.82 -30.10
N SER B 3 20.20 10.99 -29.60
CA SER B 3 18.90 10.73 -30.25
C SER B 3 17.97 10.05 -29.25
N PHE B 4 16.81 10.67 -29.10
CA PHE B 4 15.76 10.18 -28.18
C PHE B 4 14.52 9.88 -29.02
N GLU B 5 14.80 9.61 -30.27
CA GLU B 5 13.85 9.31 -31.32
C GLU B 5 13.74 7.82 -31.63
N LEU B 6 12.55 7.31 -31.49
CA LEU B 6 12.11 5.94 -31.81
C LEU B 6 12.13 5.74 -33.33
N THR B 7 12.39 4.52 -33.77
CA THR B 7 12.30 4.11 -35.18
C THR B 7 10.83 3.87 -35.50
N GLU B 8 10.49 3.93 -36.78
CA GLU B 8 9.09 3.71 -37.19
C GLU B 8 8.59 2.35 -36.77
N GLN B 9 9.48 1.38 -36.77
CA GLN B 9 9.18 0.00 -36.36
C GLN B 9 8.83 -0.02 -34.86
N GLN B 10 9.60 0.76 -34.13
CA GLN B 10 9.44 0.89 -32.68
C GLN B 10 8.12 1.62 -32.39
N LYS B 11 7.84 2.61 -33.22
CA LYS B 11 6.60 3.40 -33.09
C LYS B 11 5.38 2.51 -33.27
N GLU B 12 5.53 1.50 -34.10
CA GLU B 12 4.48 0.53 -34.43
C GLU B 12 4.30 -0.51 -33.34
N PHE B 13 5.39 -0.96 -32.76
CA PHE B 13 5.33 -1.96 -31.67
C PHE B 13 4.58 -1.31 -30.49
N GLN B 14 5.01 -0.09 -30.24
CA GLN B 14 4.50 0.76 -29.17
C GLN B 14 2.99 0.97 -29.33
N ALA B 15 2.58 1.29 -30.54
CA ALA B 15 1.15 1.55 -30.81
C ALA B 15 0.32 0.30 -30.56
N THR B 16 0.85 -0.84 -30.95
CA THR B 16 0.21 -2.14 -30.78
C THR B 16 0.05 -2.48 -29.30
N ALA B 17 1.15 -2.32 -28.59
CA ALA B 17 1.22 -2.57 -27.14
C ALA B 17 0.27 -1.64 -26.37
N ARG B 18 0.21 -0.40 -26.80
CA ARG B 18 -0.62 0.63 -26.18
C ARG B 18 -2.11 0.37 -26.36
N LYS B 19 -2.49 0.09 -27.59
CA LYS B 19 -3.87 -0.20 -27.98
C LYS B 19 -4.41 -1.41 -27.23
N PHE B 20 -3.62 -2.46 -27.11
CA PHE B 20 -4.02 -3.70 -26.44
C PHE B 20 -4.08 -3.47 -24.92
N ALA B 21 -3.15 -2.70 -24.42
CA ALA B 21 -3.04 -2.40 -22.99
C ALA B 21 -4.26 -1.64 -22.49
N ARG B 22 -4.66 -0.67 -23.28
CA ARG B 22 -5.79 0.22 -22.96
C ARG B 22 -7.13 -0.26 -23.42
N GLU B 23 -7.17 -1.07 -24.47
CA GLU B 23 -8.45 -1.59 -24.97
C GLU B 23 -8.80 -2.96 -24.43
N GLU B 24 -7.80 -3.74 -24.09
CA GLU B 24 -8.03 -5.10 -23.59
C GLU B 24 -7.70 -5.31 -22.13
N ILE B 25 -6.55 -4.87 -21.68
CA ILE B 25 -6.14 -5.03 -20.28
C ILE B 25 -6.92 -4.20 -19.27
N ILE B 26 -6.94 -2.90 -19.43
CA ILE B 26 -7.60 -1.99 -18.48
C ILE B 26 -8.99 -2.37 -18.05
N PRO B 27 -9.89 -2.63 -18.99
CA PRO B 27 -11.27 -2.97 -18.69
C PRO B 27 -11.48 -4.21 -17.86
N VAL B 28 -10.46 -5.04 -17.70
CA VAL B 28 -10.62 -6.29 -16.94
C VAL B 28 -9.58 -6.48 -15.85
N ALA B 29 -8.57 -5.63 -15.82
CA ALA B 29 -7.48 -5.69 -14.84
C ALA B 29 -7.99 -5.70 -13.40
N ALA B 30 -9.05 -4.96 -13.14
CA ALA B 30 -9.62 -4.86 -11.79
C ALA B 30 -10.25 -6.15 -11.32
N GLU B 31 -10.96 -6.81 -12.21
CA GLU B 31 -11.63 -8.08 -11.91
C GLU B 31 -10.60 -9.18 -11.65
N TYR B 32 -9.53 -9.16 -12.42
CA TYR B 32 -8.44 -10.14 -12.27
C TYR B 32 -7.70 -9.93 -10.95
N ASP B 33 -7.61 -8.68 -10.53
CA ASP B 33 -6.92 -8.37 -9.25
C ASP B 33 -7.77 -8.95 -8.12
N ARG B 34 -9.07 -8.76 -8.20
CA ARG B 34 -10.02 -9.24 -7.20
C ARG B 34 -10.05 -10.77 -7.09
N THR B 35 -10.21 -11.44 -8.22
CA THR B 35 -10.32 -12.89 -8.24
C THR B 35 -8.96 -13.58 -8.16
N GLY B 36 -7.94 -13.00 -8.72
CA GLY B 36 -6.58 -13.55 -8.70
C GLY B 36 -6.38 -14.67 -9.70
N GLU B 37 -7.49 -14.75 -10.78
CA GLU B 37 -7.19 -15.77 -11.80
C GLU B 37 -5.95 -15.38 -12.59
N TYR B 38 -5.53 -16.49 -13.29
CA TYR B 38 -4.48 -16.35 -14.33
C TYR B 38 -5.22 -15.80 -15.56
N PRO B 39 -4.70 -14.70 -16.08
CA PRO B 39 -5.29 -14.01 -17.23
C PRO B 39 -5.00 -14.67 -18.55
N VAL B 40 -5.36 -15.94 -18.67
CA VAL B 40 -5.13 -16.75 -19.87
C VAL B 40 -5.52 -16.07 -21.17
N PRO B 41 -6.73 -15.58 -21.27
CA PRO B 41 -7.20 -14.90 -22.48
C PRO B 41 -6.29 -13.77 -22.92
N LEU B 42 -5.78 -13.03 -21.94
CA LEU B 42 -4.90 -11.88 -22.21
C LEU B 42 -3.55 -12.34 -22.73
N LEU B 43 -2.98 -13.33 -22.04
CA LEU B 43 -1.67 -13.88 -22.45
C LEU B 43 -1.77 -14.39 -23.88
N LYS B 44 -2.84 -15.12 -24.15
CA LYS B 44 -3.11 -15.70 -25.48
C LYS B 44 -3.02 -14.63 -26.57
N ARG B 45 -3.78 -13.57 -26.35
CA ARG B 45 -3.84 -12.42 -27.26
C ARG B 45 -2.47 -11.78 -27.42
N ALA B 46 -1.83 -11.57 -26.28
CA ALA B 46 -0.49 -10.94 -26.22
C ALA B 46 0.49 -11.74 -27.08
N TRP B 47 0.27 -13.04 -27.07
CA TRP B 47 1.11 -13.96 -27.86
C TRP B 47 0.82 -13.73 -29.35
N GLU B 48 -0.45 -13.70 -29.70
CA GLU B 48 -0.88 -13.52 -31.10
C GLU B 48 -0.47 -12.17 -31.66
N LEU B 49 -0.40 -11.18 -30.79
CA LEU B 49 0.00 -9.82 -31.15
C LEU B 49 1.51 -9.75 -31.34
N GLY B 50 2.20 -10.75 -30.84
CA GLY B 50 3.68 -10.82 -30.90
C GLY B 50 4.25 -9.87 -29.84
N LEU B 51 3.58 -9.79 -28.71
CA LEU B 51 3.97 -8.95 -27.59
C LEU B 51 4.56 -9.78 -26.44
N MET B 52 4.94 -11.00 -26.74
CA MET B 52 5.51 -11.94 -25.76
C MET B 52 6.72 -12.61 -26.41
N ASN B 53 7.69 -12.97 -25.62
CA ASN B 53 8.89 -13.67 -26.11
C ASN B 53 9.65 -12.90 -27.19
N THR B 54 9.45 -11.63 -27.22
CA THR B 54 10.00 -10.65 -28.15
C THR B 54 11.48 -10.76 -28.40
N HIS B 55 12.21 -11.33 -27.46
CA HIS B 55 13.67 -11.47 -27.49
C HIS B 55 14.16 -12.76 -28.11
N ILE B 56 13.27 -13.67 -28.48
CA ILE B 56 13.70 -14.94 -29.12
C ILE B 56 14.24 -14.60 -30.51
N PRO B 57 15.47 -15.02 -30.75
CA PRO B 57 16.14 -14.76 -32.03
C PRO B 57 15.32 -15.27 -33.20
N GLU B 58 15.44 -14.59 -34.33
CA GLU B 58 14.73 -14.90 -35.56
C GLU B 58 14.90 -16.34 -36.02
N SER B 59 16.06 -16.90 -35.75
CA SER B 59 16.42 -18.27 -36.10
C SER B 59 15.49 -19.32 -35.51
N PHE B 60 14.85 -18.99 -34.41
CA PHE B 60 13.94 -19.93 -33.71
C PHE B 60 12.49 -19.51 -33.83
N GLY B 61 12.19 -18.70 -34.84
CA GLY B 61 10.85 -18.20 -35.11
C GLY B 61 10.47 -16.98 -34.29
N GLY B 62 11.44 -16.44 -33.58
CA GLY B 62 11.22 -15.25 -32.73
C GLY B 62 11.31 -13.98 -33.55
N LEU B 63 10.97 -12.89 -32.90
CA LEU B 63 10.99 -11.55 -33.53
C LEU B 63 12.39 -10.95 -33.47
N GLY B 64 13.20 -11.48 -32.58
CA GLY B 64 14.58 -11.10 -32.34
C GLY B 64 14.80 -9.67 -31.93
N LEU B 65 13.87 -9.10 -31.18
CA LEU B 65 13.94 -7.71 -30.71
C LEU B 65 15.02 -7.55 -29.65
N GLY B 66 15.41 -6.30 -29.44
CA GLY B 66 16.43 -5.91 -28.47
C GLY B 66 15.79 -5.58 -27.12
N ILE B 67 16.65 -5.12 -26.22
CA ILE B 67 16.24 -4.74 -24.85
C ILE B 67 15.49 -3.41 -24.89
N ILE B 68 15.87 -2.55 -25.83
CA ILE B 68 15.20 -1.26 -25.98
C ILE B 68 13.72 -1.52 -26.36
N ASP B 69 13.56 -2.47 -27.25
CA ASP B 69 12.22 -2.85 -27.75
C ASP B 69 11.35 -3.36 -26.61
N SER B 70 11.85 -4.33 -25.89
CA SER B 70 11.13 -4.94 -24.77
C SER B 70 10.65 -3.88 -23.78
N CYS B 71 11.55 -3.00 -23.42
CA CYS B 71 11.25 -1.89 -22.48
C CYS B 71 10.05 -1.10 -22.99
N LEU B 72 10.12 -0.69 -24.23
CA LEU B 72 9.09 0.11 -24.89
C LEU B 72 7.72 -0.56 -24.85
N ILE B 73 7.70 -1.83 -25.20
CA ILE B 73 6.47 -2.63 -25.21
C ILE B 73 5.97 -2.82 -23.78
N THR B 74 6.92 -3.14 -22.91
CA THR B 74 6.58 -3.56 -21.53
C THR B 74 6.19 -2.34 -20.71
N GLU B 75 6.62 -1.11 -21.10
CA GLU B 75 6.13 0.12 -20.46
C GLU B 75 4.64 0.30 -20.74
N GLU B 76 4.22 -0.10 -21.92
CA GLU B 76 2.84 0.03 -22.38
C GLU B 76 1.89 -0.96 -21.73
N LEU B 77 2.33 -2.18 -21.56
CA LEU B 77 1.60 -3.28 -20.94
C LEU B 77 1.41 -3.03 -19.45
N ALA B 78 2.51 -2.61 -18.82
CA ALA B 78 2.55 -2.33 -17.39
C ALA B 78 1.54 -1.23 -17.03
N TYR B 79 1.33 -0.35 -17.97
CA TYR B 79 0.39 0.78 -17.85
C TYR B 79 -1.00 0.24 -17.58
N GLY B 80 -1.32 -0.85 -18.27
CA GLY B 80 -2.62 -1.54 -18.12
C GLY B 80 -2.66 -2.26 -16.77
N CYS B 81 -1.68 -3.13 -16.57
CA CYS B 81 -1.60 -3.88 -15.30
C CYS B 81 -0.25 -4.58 -15.20
N THR B 82 0.39 -4.44 -14.05
CA THR B 82 1.69 -5.04 -13.78
C THR B 82 1.52 -6.48 -13.34
N GLY B 83 0.30 -6.84 -13.01
CA GLY B 83 -0.05 -8.22 -12.62
C GLY B 83 0.12 -9.09 -13.89
N VAL B 84 -0.57 -8.66 -14.93
CA VAL B 84 -0.56 -9.29 -16.25
C VAL B 84 0.85 -9.22 -16.85
N GLN B 85 1.35 -7.99 -16.90
CA GLN B 85 2.67 -7.70 -17.46
C GLN B 85 3.76 -8.55 -16.84
N THR B 86 3.70 -8.80 -15.54
CA THR B 86 4.71 -9.63 -14.86
C THR B 86 4.71 -11.05 -15.40
N ALA B 87 3.53 -11.55 -15.73
CA ALA B 87 3.37 -12.90 -16.30
C ALA B 87 4.21 -12.99 -17.58
N ILE B 88 3.97 -11.99 -18.42
CA ILE B 88 4.65 -11.84 -19.70
C ILE B 88 6.15 -11.73 -19.54
N GLU B 89 6.57 -10.79 -18.70
CA GLU B 89 7.97 -10.54 -18.42
C GLU B 89 8.73 -11.76 -17.93
N ALA B 90 8.09 -12.56 -17.11
CA ALA B 90 8.72 -13.77 -16.55
C ALA B 90 9.20 -14.70 -17.66
N ASN B 91 8.43 -14.76 -18.73
CA ASN B 91 8.75 -15.57 -19.92
C ASN B 91 10.15 -15.19 -20.41
N THR B 92 10.37 -13.89 -20.58
CA THR B 92 11.66 -13.37 -21.06
C THR B 92 12.80 -13.70 -20.09
N LEU B 93 12.48 -13.68 -18.81
CA LEU B 93 13.44 -13.97 -17.74
C LEU B 93 13.99 -15.39 -17.84
N GLY B 94 13.07 -16.33 -18.07
CA GLY B 94 13.43 -17.75 -18.19
C GLY B 94 14.11 -18.06 -19.51
N GLN B 95 13.91 -17.21 -20.50
CA GLN B 95 14.46 -17.35 -21.84
C GLN B 95 15.87 -16.80 -21.98
N VAL B 96 16.11 -15.64 -21.40
CA VAL B 96 17.44 -15.00 -21.49
C VAL B 96 18.59 -15.96 -21.20
N PRO B 97 18.54 -16.70 -20.12
CA PRO B 97 19.62 -17.65 -19.76
C PRO B 97 19.98 -18.53 -20.94
N LEU B 98 18.96 -18.96 -21.66
CA LEU B 98 19.06 -19.82 -22.83
C LEU B 98 19.71 -19.12 -24.00
N ILE B 99 19.21 -17.91 -24.24
CA ILE B 99 19.68 -17.05 -25.32
C ILE B 99 21.16 -16.73 -25.17
N ILE B 100 21.57 -16.46 -23.95
CA ILE B 100 22.96 -16.07 -23.65
C ILE B 100 23.86 -17.19 -23.19
N GLY B 101 23.31 -18.33 -22.83
CA GLY B 101 24.14 -19.44 -22.35
C GLY B 101 23.80 -20.80 -22.90
N GLY B 102 22.93 -20.86 -23.88
CA GLY B 102 22.50 -22.12 -24.50
C GLY B 102 23.08 -22.36 -25.89
N ASN B 103 23.11 -23.63 -26.24
CA ASN B 103 23.63 -24.03 -27.58
C ASN B 103 22.44 -24.02 -28.54
N TYR B 104 22.73 -24.22 -29.81
CA TYR B 104 21.73 -24.20 -30.87
C TYR B 104 20.60 -25.20 -30.62
N GLN B 105 20.97 -26.36 -30.13
CA GLN B 105 20.08 -27.48 -29.84
C GLN B 105 19.12 -27.19 -28.71
N GLN B 106 19.64 -26.62 -27.63
CA GLN B 106 18.84 -26.28 -26.44
C GLN B 106 17.85 -25.16 -26.79
N GLN B 107 18.40 -24.20 -27.51
CA GLN B 107 17.67 -23.01 -27.94
C GLN B 107 16.53 -23.38 -28.87
N LYS B 108 16.87 -24.19 -29.87
CA LYS B 108 15.92 -24.65 -30.88
C LYS B 108 14.73 -25.36 -30.23
N LYS B 109 15.07 -26.27 -29.32
CA LYS B 109 14.10 -27.09 -28.62
C LYS B 109 13.20 -26.33 -27.65
N TYR B 110 13.76 -25.48 -26.80
CA TYR B 110 12.95 -24.76 -25.80
C TYR B 110 12.49 -23.38 -26.22
N LEU B 111 13.26 -22.67 -27.01
CA LEU B 111 12.85 -21.32 -27.48
C LEU B 111 11.88 -21.51 -28.63
N GLY B 112 12.19 -22.50 -29.46
CA GLY B 112 11.40 -22.87 -30.62
C GLY B 112 9.95 -23.15 -30.29
N ARG B 113 9.71 -23.92 -29.24
CA ARG B 113 8.35 -24.30 -28.81
C ARG B 113 7.52 -23.13 -28.29
N MET B 114 8.17 -22.09 -27.81
CA MET B 114 7.47 -20.90 -27.29
C MET B 114 6.87 -20.12 -28.48
N THR B 115 7.46 -20.34 -29.62
CA THR B 115 7.10 -19.69 -30.89
C THR B 115 5.90 -20.34 -31.57
N GLU B 116 5.70 -21.60 -31.29
CA GLU B 116 4.65 -22.43 -31.87
C GLU B 116 3.32 -22.38 -31.17
N GLU B 117 3.34 -22.46 -29.84
CA GLU B 117 2.18 -22.31 -28.95
C GLU B 117 2.41 -21.17 -27.96
N PRO B 118 1.31 -20.81 -27.29
CA PRO B 118 1.35 -19.81 -26.21
C PRO B 118 1.72 -20.44 -24.90
N LEU B 119 2.94 -20.95 -24.82
CA LEU B 119 3.50 -21.59 -23.62
C LEU B 119 4.15 -20.52 -22.73
N MET B 120 4.31 -20.91 -21.48
CA MET B 120 4.94 -20.06 -20.47
C MET B 120 6.18 -20.80 -19.93
N CYS B 121 7.03 -20.01 -19.30
CA CYS B 121 8.26 -20.54 -18.67
C CYS B 121 8.53 -19.70 -17.42
N ALA B 122 9.41 -20.18 -16.58
CA ALA B 122 9.77 -19.51 -15.33
C ALA B 122 11.26 -19.64 -15.02
N TYR B 123 11.69 -18.73 -14.18
CA TYR B 123 13.07 -18.55 -13.69
C TYR B 123 13.10 -18.91 -12.21
N CYS B 124 13.81 -19.96 -11.87
CA CYS B 124 13.93 -20.51 -10.54
C CYS B 124 15.31 -20.38 -9.89
N VAL B 125 15.47 -19.37 -9.08
CA VAL B 125 16.71 -19.09 -8.36
C VAL B 125 16.47 -19.05 -6.84
N THR B 126 15.60 -18.16 -6.43
CA THR B 126 15.27 -17.93 -5.02
C THR B 126 14.82 -19.15 -4.24
N GLU B 127 15.24 -19.19 -2.98
CA GLU B 127 14.89 -20.25 -2.03
C GLU B 127 14.41 -19.61 -0.72
N PRO B 128 13.72 -20.39 0.10
CA PRO B 128 13.16 -19.89 1.36
C PRO B 128 14.22 -19.23 2.24
N GLY B 129 15.41 -19.78 2.17
CA GLY B 129 16.55 -19.32 2.94
C GLY B 129 17.43 -18.32 2.23
N ALA B 130 17.22 -18.15 0.93
CA ALA B 130 18.06 -17.23 0.15
C ALA B 130 17.37 -16.68 -1.08
N GLY B 131 17.43 -15.37 -1.19
CA GLY B 131 16.86 -14.60 -2.31
C GLY B 131 17.90 -13.59 -2.77
N SER B 132 18.19 -12.63 -1.90
CA SER B 132 19.19 -11.58 -2.18
C SER B 132 20.58 -12.21 -2.31
N ASP B 133 20.82 -13.19 -1.46
CA ASP B 133 22.11 -13.91 -1.41
C ASP B 133 22.01 -15.16 -2.29
N VAL B 134 22.25 -14.98 -3.58
CA VAL B 134 22.12 -16.11 -4.53
C VAL B 134 23.17 -17.19 -4.27
N ALA B 135 24.32 -16.78 -3.78
CA ALA B 135 25.41 -17.71 -3.47
C ALA B 135 25.08 -18.55 -2.23
N GLY B 136 23.95 -18.23 -1.62
CA GLY B 136 23.48 -18.92 -0.41
C GLY B 136 22.47 -20.01 -0.76
N ILE B 137 22.23 -20.19 -2.03
CA ILE B 137 21.30 -21.19 -2.57
C ILE B 137 21.76 -22.58 -2.13
N LYS B 138 20.80 -23.43 -1.76
CA LYS B 138 21.13 -24.78 -1.29
C LYS B 138 20.61 -25.90 -2.19
N THR B 139 19.85 -25.57 -3.20
CA THR B 139 19.35 -26.65 -4.11
C THR B 139 20.61 -27.30 -4.69
N LYS B 140 20.70 -28.60 -4.53
CA LYS B 140 21.87 -29.36 -5.00
C LYS B 140 21.57 -30.20 -6.23
N ALA B 141 22.62 -30.32 -7.03
CA ALA B 141 22.60 -31.12 -8.28
C ALA B 141 23.76 -32.11 -8.20
N GLU B 142 23.43 -33.37 -8.34
CA GLU B 142 24.43 -34.46 -8.28
C GLU B 142 24.44 -35.27 -9.56
N LYS B 143 25.61 -35.28 -10.16
CA LYS B 143 25.89 -35.98 -11.41
C LYS B 143 25.88 -37.50 -11.19
N LYS B 144 25.04 -38.18 -11.93
CA LYS B 144 24.89 -39.64 -11.87
C LYS B 144 24.90 -40.17 -13.30
N GLY B 145 26.09 -40.59 -13.70
CA GLY B 145 26.30 -41.13 -15.06
C GLY B 145 26.11 -39.99 -16.07
N ASP B 146 25.06 -40.13 -16.86
CA ASP B 146 24.74 -39.17 -17.92
C ASP B 146 23.64 -38.19 -17.57
N GLU B 147 23.27 -38.12 -16.30
CA GLU B 147 22.22 -37.20 -15.85
C GLU B 147 22.58 -36.61 -14.50
N TYR B 148 21.82 -35.59 -14.13
CA TYR B 148 21.95 -34.89 -12.86
C TYR B 148 20.71 -35.17 -12.00
N ILE B 149 20.96 -35.19 -10.70
CA ILE B 149 19.91 -35.41 -9.69
C ILE B 149 19.75 -34.15 -8.85
N ILE B 150 18.60 -33.51 -9.06
CA ILE B 150 18.24 -32.28 -8.37
C ILE B 150 17.31 -32.49 -7.18
N ASN B 151 17.78 -31.95 -6.07
CA ASN B 151 17.05 -31.98 -4.78
C ASN B 151 17.17 -30.58 -4.16
N GLY B 152 16.02 -30.03 -3.83
CA GLY B 152 15.95 -28.68 -3.22
C GLY B 152 14.58 -28.07 -3.40
N GLN B 153 14.44 -26.88 -2.84
CA GLN B 153 13.18 -26.12 -2.90
C GLN B 153 13.43 -24.67 -3.30
N LYS B 154 12.56 -24.19 -4.16
CA LYS B 154 12.58 -22.82 -4.69
C LYS B 154 11.31 -22.11 -4.22
N MET B 155 11.41 -20.81 -3.99
CA MET B 155 10.25 -20.03 -3.51
C MET B 155 10.07 -18.73 -4.27
N TRP B 156 8.79 -18.37 -4.42
CA TRP B 156 8.33 -17.16 -5.07
C TRP B 156 8.55 -17.21 -6.58
N ILE B 157 8.21 -18.31 -7.23
CA ILE B 157 8.41 -18.42 -8.67
C ILE B 157 7.21 -17.96 -9.49
N THR B 158 7.42 -16.84 -10.18
CA THR B 158 6.40 -16.28 -11.09
C THR B 158 6.21 -17.33 -12.21
N ASN B 159 4.98 -17.59 -12.57
CA ASN B 159 4.66 -18.60 -13.59
C ASN B 159 5.00 -19.99 -13.08
N GLY B 160 5.19 -20.08 -11.79
CA GLY B 160 5.55 -21.30 -11.08
C GLY B 160 4.76 -22.53 -11.47
N GLY B 161 3.44 -22.41 -11.50
CA GLY B 161 2.56 -23.54 -11.83
C GLY B 161 1.97 -23.50 -13.21
N LYS B 162 2.55 -22.71 -14.09
CA LYS B 162 2.02 -22.57 -15.47
C LYS B 162 3.10 -22.69 -16.52
N ALA B 163 4.30 -22.95 -16.05
CA ALA B 163 5.49 -23.06 -16.88
C ALA B 163 5.68 -24.43 -17.51
N ASN B 164 6.07 -24.41 -18.78
CA ASN B 164 6.34 -25.63 -19.55
C ASN B 164 7.68 -26.20 -19.08
N TRP B 165 8.62 -25.27 -18.95
CA TRP B 165 9.99 -25.60 -18.51
C TRP B 165 10.43 -24.47 -17.59
N TYR B 166 11.46 -24.71 -16.83
CA TYR B 166 12.06 -23.80 -15.88
C TYR B 166 13.58 -23.71 -16.10
N PHE B 167 14.07 -22.44 -15.92
CA PHE B 167 15.52 -22.36 -15.75
C PHE B 167 15.86 -22.45 -14.27
N LEU B 168 16.78 -23.23 -13.91
CA LEU B 168 17.00 -23.69 -12.53
C LEU B 168 18.50 -23.60 -12.22
N LEU B 169 18.83 -22.87 -11.12
CA LEU B 169 20.18 -22.66 -10.61
C LEU B 169 20.32 -23.54 -9.35
N ALA B 170 21.33 -24.38 -9.40
CA ALA B 170 21.60 -25.31 -8.28
C ALA B 170 23.09 -25.31 -8.00
N ARG B 171 23.42 -25.71 -6.79
CA ARG B 171 24.83 -25.79 -6.36
C ARG B 171 25.34 -27.18 -6.79
N SER B 172 26.34 -27.17 -7.65
CA SER B 172 26.91 -28.42 -8.19
C SER B 172 28.21 -28.82 -7.50
N ASP B 173 28.77 -27.95 -6.69
CA ASP B 173 30.00 -28.20 -5.95
C ASP B 173 29.65 -28.16 -4.44
N PRO B 174 29.81 -29.31 -3.81
CA PRO B 174 29.49 -29.45 -2.40
C PRO B 174 30.48 -28.76 -1.48
N ASP B 175 31.68 -28.52 -1.99
CA ASP B 175 32.72 -27.85 -1.18
C ASP B 175 32.17 -26.47 -0.80
N PRO B 176 32.01 -26.31 0.52
CA PRO B 176 31.50 -25.06 1.08
C PRO B 176 32.41 -23.90 0.74
N LYS B 177 33.68 -24.22 0.56
CA LYS B 177 34.71 -23.22 0.25
C LYS B 177 34.87 -22.93 -1.23
N ALA B 178 34.08 -23.59 -2.05
CA ALA B 178 34.13 -23.37 -3.51
C ALA B 178 33.52 -21.99 -3.81
N PRO B 179 34.21 -21.27 -4.67
CA PRO B 179 33.79 -19.91 -5.08
C PRO B 179 32.54 -19.93 -5.93
N ALA B 180 31.77 -18.88 -5.75
CA ALA B 180 30.51 -18.62 -6.43
C ALA B 180 30.59 -18.81 -7.94
N SER B 181 31.68 -18.33 -8.51
CA SER B 181 31.95 -18.38 -9.94
C SER B 181 32.09 -19.78 -10.51
N LYS B 182 32.13 -20.80 -9.67
CA LYS B 182 32.26 -22.18 -10.18
C LYS B 182 31.51 -23.21 -9.35
N ALA B 183 30.69 -22.76 -8.42
CA ALA B 183 29.92 -23.65 -7.56
C ALA B 183 28.52 -23.97 -8.03
N PHE B 184 28.02 -23.28 -9.04
CA PHE B 184 26.64 -23.46 -9.52
C PHE B 184 26.52 -23.81 -10.99
N THR B 185 25.38 -24.41 -11.30
CA THR B 185 25.04 -24.85 -12.66
C THR B 185 23.62 -24.44 -13.04
N GLY B 186 23.48 -24.01 -14.27
CA GLY B 186 22.16 -23.59 -14.82
C GLY B 186 21.59 -24.76 -15.63
N PHE B 187 20.33 -25.06 -15.38
CA PHE B 187 19.63 -26.15 -16.04
C PHE B 187 18.28 -25.66 -16.62
N ILE B 188 17.91 -26.38 -17.68
CA ILE B 188 16.53 -26.37 -18.20
C ILE B 188 15.79 -27.60 -17.71
N VAL B 189 14.80 -27.33 -16.89
CA VAL B 189 14.04 -28.44 -16.29
C VAL B 189 12.60 -28.35 -16.77
N GLU B 190 12.17 -29.45 -17.37
CA GLU B 190 10.80 -29.56 -17.88
C GLU B 190 9.90 -29.78 -16.66
N ALA B 191 8.83 -29.03 -16.61
CA ALA B 191 7.87 -29.07 -15.51
C ALA B 191 7.19 -30.41 -15.34
N ASP B 192 7.07 -31.21 -16.38
CA ASP B 192 6.39 -32.52 -16.30
C ASP B 192 7.28 -33.60 -15.73
N THR B 193 8.52 -33.32 -15.42
CA THR B 193 9.47 -34.26 -14.86
C THR B 193 9.04 -34.77 -13.47
N PRO B 194 9.02 -36.08 -13.34
CA PRO B 194 8.68 -36.72 -12.07
C PRO B 194 9.58 -36.13 -10.98
N GLY B 195 8.98 -35.77 -9.87
CA GLY B 195 9.73 -35.21 -8.73
C GLY B 195 9.56 -33.73 -8.52
N VAL B 196 8.98 -33.02 -9.47
CA VAL B 196 8.78 -31.55 -9.26
C VAL B 196 7.38 -31.41 -8.64
N GLN B 197 7.38 -30.88 -7.42
CA GLN B 197 6.12 -30.68 -6.69
C GLN B 197 5.81 -29.18 -6.67
N ILE B 198 4.83 -28.80 -7.46
CA ILE B 198 4.39 -27.39 -7.53
C ILE B 198 3.55 -27.11 -6.28
N GLY B 199 3.89 -26.04 -5.59
CA GLY B 199 3.19 -25.64 -4.36
C GLY B 199 1.88 -24.93 -4.69
N ARG B 200 1.30 -24.36 -3.64
CA ARG B 200 0.05 -23.61 -3.71
C ARG B 200 0.32 -22.21 -4.30
N LYS B 201 -0.75 -21.61 -4.75
CA LYS B 201 -0.70 -20.23 -5.26
C LYS B 201 -0.56 -19.36 -4.00
N GLU B 202 0.50 -18.59 -3.98
CA GLU B 202 0.75 -17.69 -2.84
C GLU B 202 -0.12 -16.46 -3.01
N ILE B 203 -0.72 -15.99 -1.94
CA ILE B 203 -1.60 -14.80 -1.99
C ILE B 203 -0.84 -13.57 -1.49
N ASN B 204 -0.58 -12.63 -2.37
CA ASN B 204 0.18 -11.41 -2.01
C ASN B 204 -0.69 -10.16 -2.04
N MET B 205 -0.06 -9.06 -1.64
CA MET B 205 -0.71 -7.75 -1.61
C MET B 205 -1.05 -7.23 -3.00
N GLY B 206 -0.14 -7.40 -3.94
CA GLY B 206 -0.34 -6.88 -5.31
C GLY B 206 -0.04 -7.90 -6.38
N GLN B 207 -0.15 -7.42 -7.63
CA GLN B 207 0.08 -8.27 -8.81
C GLN B 207 -0.57 -9.63 -8.59
N ARG B 208 -1.78 -9.56 -8.05
CA ARG B 208 -2.59 -10.69 -7.67
C ARG B 208 -2.94 -11.70 -8.76
N CYS B 209 -3.10 -11.27 -10.00
CA CYS B 209 -3.46 -12.24 -11.05
C CYS B 209 -2.22 -13.04 -11.49
N SER B 210 -1.07 -12.59 -11.02
CA SER B 210 0.21 -13.27 -11.35
C SER B 210 0.32 -14.54 -10.49
N ASP B 211 0.88 -15.56 -11.11
CA ASP B 211 1.08 -16.88 -10.50
C ASP B 211 2.46 -16.95 -9.83
N THR B 212 2.41 -17.04 -8.51
CA THR B 212 3.59 -17.13 -7.65
C THR B 212 3.41 -18.33 -6.72
N ARG B 213 4.34 -19.25 -6.82
CA ARG B 213 4.35 -20.48 -6.04
C ARG B 213 5.78 -20.91 -5.68
N GLY B 214 5.82 -21.70 -4.65
CA GLY B 214 7.06 -22.39 -4.27
C GLY B 214 7.11 -23.75 -4.95
N ILE B 215 8.31 -24.27 -5.14
CA ILE B 215 8.42 -25.57 -5.85
C ILE B 215 9.49 -26.42 -5.15
N VAL B 216 9.16 -27.69 -5.03
CA VAL B 216 10.07 -28.68 -4.43
C VAL B 216 10.56 -29.60 -5.56
N PHE B 217 11.84 -29.91 -5.49
CA PHE B 217 12.53 -30.81 -6.43
C PHE B 217 13.01 -32.01 -5.61
N GLU B 218 12.39 -33.16 -5.87
CA GLU B 218 12.75 -34.39 -5.15
C GLU B 218 13.30 -35.40 -6.13
N ASP B 219 14.60 -35.60 -6.06
CA ASP B 219 15.34 -36.52 -6.94
C ASP B 219 14.94 -36.36 -8.41
N VAL B 220 14.90 -35.13 -8.88
CA VAL B 220 14.54 -34.86 -10.29
C VAL B 220 15.75 -35.19 -11.17
N ARG B 221 15.50 -36.03 -12.16
CA ARG B 221 16.50 -36.49 -13.13
C ARG B 221 16.50 -35.61 -14.38
N VAL B 222 17.63 -34.97 -14.61
CA VAL B 222 17.84 -34.07 -15.76
C VAL B 222 19.04 -34.52 -16.60
N PRO B 223 18.77 -34.67 -17.89
CA PRO B 223 19.80 -35.07 -18.86
C PRO B 223 20.90 -34.02 -18.90
N LYS B 224 22.14 -34.50 -18.98
CA LYS B 224 23.31 -33.63 -19.02
C LYS B 224 23.22 -32.65 -20.18
N GLU B 225 22.38 -33.08 -21.23
CA GLU B 225 22.27 -32.16 -22.38
C GLU B 225 21.31 -31.02 -22.07
N ASN B 226 20.96 -30.92 -20.71
CA ASN B 226 20.08 -29.79 -20.36
C ASN B 226 20.86 -28.77 -19.50
N VAL B 227 22.17 -29.03 -19.39
CA VAL B 227 23.10 -28.14 -18.68
C VAL B 227 23.43 -27.03 -19.67
N LEU B 228 23.69 -25.82 -19.27
CA LEU B 228 23.54 -24.75 -20.27
C LEU B 228 24.89 -24.44 -20.93
N THR B 229 25.88 -24.14 -20.18
CA THR B 229 27.20 -23.86 -20.76
C THR B 229 28.19 -24.89 -20.25
N GLY B 230 27.90 -25.36 -19.07
CA GLY B 230 28.70 -26.35 -18.38
C GLY B 230 28.54 -26.17 -16.89
N GLU B 231 29.03 -27.16 -16.32
CA GLU B 231 29.08 -27.29 -14.87
C GLU B 231 30.02 -26.25 -14.28
N GLY B 232 29.47 -25.33 -13.50
CA GLY B 232 30.21 -24.27 -12.84
C GLY B 232 29.88 -22.89 -13.34
N ALA B 233 29.42 -22.82 -14.57
CA ALA B 233 29.07 -21.58 -15.26
C ALA B 233 27.69 -21.04 -14.90
N GLY B 234 27.11 -21.53 -13.83
CA GLY B 234 25.78 -21.16 -13.37
C GLY B 234 25.62 -19.75 -12.82
N PHE B 235 26.58 -19.31 -12.03
CA PHE B 235 26.57 -18.00 -11.39
C PHE B 235 26.59 -16.86 -12.41
N LYS B 236 27.55 -16.94 -13.29
CA LYS B 236 27.80 -15.98 -14.38
C LYS B 236 26.58 -15.79 -15.26
N ILE B 237 25.88 -16.88 -15.56
CA ILE B 237 24.66 -16.79 -16.40
C ILE B 237 23.58 -16.00 -15.65
N ALA B 238 23.45 -16.29 -14.37
CA ALA B 238 22.46 -15.61 -13.51
C ALA B 238 22.72 -14.10 -13.52
N MET B 239 23.96 -13.76 -13.25
CA MET B 239 24.42 -12.37 -13.19
C MET B 239 24.20 -11.70 -14.55
N GLY B 240 24.58 -12.38 -15.61
CA GLY B 240 24.48 -11.90 -16.98
C GLY B 240 23.01 -11.66 -17.34
N THR B 241 22.14 -12.43 -16.75
CA THR B 241 20.69 -12.36 -16.98
C THR B 241 20.08 -11.08 -16.43
N PHE B 242 20.46 -10.71 -15.22
CA PHE B 242 19.91 -9.51 -14.56
C PHE B 242 20.20 -8.23 -15.34
N ASP B 243 21.31 -8.20 -16.05
CA ASP B 243 21.72 -7.01 -16.82
C ASP B 243 20.85 -6.74 -18.04
N LYS B 244 20.26 -7.76 -18.61
CA LYS B 244 19.40 -7.61 -19.80
C LYS B 244 17.94 -7.49 -19.38
N THR B 245 17.70 -7.93 -18.20
CA THR B 245 16.37 -8.19 -17.64
C THR B 245 16.00 -7.09 -16.62
N ARG B 246 16.94 -6.34 -16.06
CA ARG B 246 16.65 -5.23 -15.14
C ARG B 246 15.99 -4.05 -15.84
N PRO B 247 16.51 -3.64 -16.98
CA PRO B 247 15.91 -2.52 -17.75
C PRO B 247 14.42 -2.69 -17.95
N PRO B 248 13.97 -3.82 -18.46
CA PRO B 248 12.54 -4.11 -18.66
C PRO B 248 11.77 -4.11 -17.34
N VAL B 249 12.43 -4.46 -16.24
CA VAL B 249 11.68 -4.44 -14.95
C VAL B 249 11.55 -2.98 -14.52
N ALA B 250 12.51 -2.15 -14.87
CA ALA B 250 12.48 -0.71 -14.59
C ALA B 250 11.36 -0.06 -15.41
N ALA B 251 11.24 -0.49 -16.65
CA ALA B 251 10.22 0.00 -17.59
C ALA B 251 8.81 -0.32 -17.12
N GLY B 252 8.64 -1.41 -16.41
CA GLY B 252 7.32 -1.83 -15.88
C GLY B 252 6.91 -0.86 -14.78
N ALA B 253 7.96 -0.46 -14.01
CA ALA B 253 7.65 0.39 -12.85
C ALA B 253 7.27 1.81 -13.30
N VAL B 254 7.86 2.28 -14.39
CA VAL B 254 7.56 3.63 -14.90
C VAL B 254 6.30 3.60 -15.76
N GLY B 255 5.79 2.34 -16.13
CA GLY B 255 4.46 2.13 -16.75
C GLY B 255 3.37 2.36 -15.71
N LEU B 256 3.50 1.89 -14.59
CA LEU B 256 2.62 1.84 -13.40
C LEU B 256 2.64 3.21 -12.72
N ALA B 257 3.82 3.94 -12.89
CA ALA B 257 3.97 5.34 -12.46
C ALA B 257 3.24 6.28 -13.41
N GLN B 258 3.25 5.96 -14.68
CA GLN B 258 2.58 6.77 -15.71
C GLN B 258 1.07 6.67 -15.59
N ARG B 259 0.61 5.48 -15.23
CA ARG B 259 -0.82 5.22 -15.03
C ARG B 259 -1.31 6.07 -13.86
N ALA B 260 -0.57 5.99 -12.78
CA ALA B 260 -0.86 6.74 -11.55
C ALA B 260 -0.93 8.23 -11.87
N LEU B 261 0.06 8.66 -12.64
CA LEU B 261 0.14 10.07 -13.06
C LEU B 261 -1.07 10.47 -13.89
N ASP B 262 -1.45 9.61 -14.82
CA ASP B 262 -2.59 9.88 -15.70
C ASP B 262 -3.90 9.98 -14.92
N GLU B 263 -4.07 9.04 -14.00
CA GLU B 263 -5.30 9.00 -13.18
C GLU B 263 -5.40 10.22 -12.29
N ALA B 264 -4.32 10.51 -11.57
CA ALA B 264 -4.24 11.66 -10.66
C ALA B 264 -4.54 12.96 -11.39
N THR B 265 -3.92 13.14 -12.53
CA THR B 265 -4.09 14.36 -13.35
C THR B 265 -5.51 14.53 -13.83
N LYS B 266 -6.09 13.49 -14.38
CA LYS B 266 -7.47 13.54 -14.90
C LYS B 266 -8.45 13.95 -13.81
N TYR B 267 -8.31 13.33 -12.67
CA TYR B 267 -9.12 13.57 -11.49
C TYR B 267 -8.97 14.99 -10.98
N ALA B 268 -7.74 15.49 -10.95
CA ALA B 268 -7.45 16.85 -10.49
C ALA B 268 -8.05 17.90 -11.40
N LEU B 269 -8.37 17.49 -12.60
CA LEU B 269 -8.94 18.37 -13.65
C LEU B 269 -10.46 18.30 -13.67
N GLU B 270 -11.01 17.50 -12.76
CA GLU B 270 -12.45 17.32 -12.63
C GLU B 270 -12.97 17.75 -11.28
N ARG B 271 -12.30 17.29 -10.23
CA ARG B 271 -12.67 17.58 -8.84
C ARG B 271 -12.38 19.02 -8.43
N LYS B 272 -13.35 19.57 -7.72
CA LYS B 272 -13.29 20.93 -7.19
C LYS B 272 -13.44 20.92 -5.67
N THR B 273 -12.72 21.81 -5.04
CA THR B 273 -12.72 22.05 -3.60
C THR B 273 -12.49 23.56 -3.45
N PHE B 274 -13.18 24.15 -2.50
CA PHE B 274 -13.07 25.60 -2.25
C PHE B 274 -13.23 26.41 -3.53
N GLY B 275 -14.13 26.02 -4.40
CA GLY B 275 -14.43 26.69 -5.64
C GLY B 275 -13.50 26.47 -6.80
N LYS B 276 -12.30 25.97 -6.56
CA LYS B 276 -11.32 25.73 -7.63
C LYS B 276 -11.11 24.23 -7.88
N LEU B 277 -10.75 23.94 -9.07
CA LEU B 277 -10.27 22.65 -9.57
C LEU B 277 -9.06 22.21 -8.74
N LEU B 278 -8.87 20.94 -8.42
CA LEU B 278 -7.69 20.52 -7.61
C LEU B 278 -6.41 21.07 -8.23
N ALA B 279 -6.30 20.96 -9.54
CA ALA B 279 -5.10 21.39 -10.28
C ALA B 279 -4.73 22.84 -10.02
N GLU B 280 -5.71 23.65 -9.67
CA GLU B 280 -5.50 25.08 -9.41
C GLU B 280 -5.00 25.41 -8.03
N HIS B 281 -4.98 24.41 -7.14
CA HIS B 281 -4.32 24.66 -5.85
C HIS B 281 -2.82 24.39 -5.99
N GLN B 282 -2.08 25.44 -5.70
CA GLN B 282 -0.63 25.43 -5.90
C GLN B 282 0.05 24.21 -5.30
N GLY B 283 -0.44 23.76 -4.18
CA GLY B 283 0.08 22.61 -3.46
C GLY B 283 -0.15 21.31 -4.22
N ILE B 284 -1.21 21.26 -5.01
CA ILE B 284 -1.55 20.09 -5.82
C ILE B 284 -0.78 20.14 -7.14
N SER B 285 -0.79 21.31 -7.76
CA SER B 285 -0.07 21.48 -9.04
C SER B 285 1.42 21.20 -8.84
N PHE B 286 1.92 21.44 -7.65
CA PHE B 286 3.33 21.22 -7.30
C PHE B 286 3.62 19.72 -7.15
N LEU B 287 2.61 19.02 -6.64
CA LEU B 287 2.67 17.57 -6.45
C LEU B 287 2.63 16.89 -7.83
N LEU B 288 1.78 17.39 -8.70
CA LEU B 288 1.64 16.87 -10.07
C LEU B 288 2.95 17.11 -10.83
N ALA B 289 3.51 18.28 -10.57
CA ALA B 289 4.78 18.65 -11.21
C ALA B 289 5.88 17.68 -10.80
N ASP B 290 6.01 17.49 -9.50
CA ASP B 290 7.04 16.60 -8.93
C ASP B 290 6.85 15.18 -9.49
N MET B 291 5.61 14.77 -9.51
CA MET B 291 5.23 13.45 -10.06
C MET B 291 5.72 13.30 -11.50
N ALA B 292 5.45 14.29 -12.32
CA ALA B 292 5.79 14.28 -13.75
C ALA B 292 7.30 14.19 -14.00
N MET B 293 7.99 14.85 -13.23
CA MET B 293 9.45 14.97 -13.18
C MET B 293 10.07 13.58 -12.99
N LYS B 294 9.61 12.89 -11.97
CA LYS B 294 10.05 11.52 -11.63
C LYS B 294 9.84 10.52 -12.74
N VAL B 295 8.67 10.48 -13.35
CA VAL B 295 8.37 9.54 -14.44
C VAL B 295 9.34 9.72 -15.62
N GLU B 296 9.57 10.98 -15.96
CA GLU B 296 10.45 11.29 -17.12
C GLU B 296 11.87 10.85 -16.82
N LEU B 297 12.32 11.11 -15.62
CA LEU B 297 13.69 10.75 -15.18
C LEU B 297 13.89 9.23 -15.27
N ALA B 298 12.95 8.51 -14.70
CA ALA B 298 12.96 7.06 -14.65
C ALA B 298 12.82 6.44 -16.03
N ARG B 299 12.09 7.09 -16.92
CA ARG B 299 11.94 6.56 -18.29
C ARG B 299 13.29 6.71 -18.99
N LEU B 300 13.96 7.72 -18.73
CA LEU B 300 15.25 8.18 -19.26
C LEU B 300 16.35 7.20 -18.79
N SER B 301 16.31 6.74 -17.52
CA SER B 301 17.32 5.83 -16.95
C SER B 301 17.23 4.41 -17.53
N TYR B 302 16.05 3.93 -17.83
CA TYR B 302 15.90 2.57 -18.39
C TYR B 302 16.32 2.57 -19.86
N GLN B 303 16.12 3.70 -20.53
CA GLN B 303 16.51 3.81 -21.95
C GLN B 303 18.03 3.79 -22.05
N ARG B 304 18.68 4.49 -21.12
CA ARG B 304 20.15 4.54 -21.07
C ARG B 304 20.70 3.12 -20.90
N ALA B 305 20.23 2.43 -19.89
CA ALA B 305 20.63 1.07 -19.54
C ALA B 305 20.33 0.03 -20.61
N ALA B 306 19.20 0.20 -21.30
CA ALA B 306 18.82 -0.75 -22.37
C ALA B 306 19.73 -0.56 -23.60
N TRP B 307 19.96 0.68 -23.93
CA TRP B 307 20.81 1.05 -25.06
C TRP B 307 22.23 0.50 -24.86
N GLU B 308 22.69 0.58 -23.63
CA GLU B 308 24.04 0.12 -23.24
C GLU B 308 24.26 -1.34 -23.58
N ILE B 309 23.33 -2.19 -23.19
CA ILE B 309 23.44 -3.63 -23.47
C ILE B 309 23.22 -3.92 -24.95
N ASP B 310 22.32 -3.19 -25.59
CA ASP B 310 22.03 -3.36 -27.01
C ASP B 310 23.27 -3.03 -27.86
N SER B 311 24.11 -2.18 -27.31
CA SER B 311 25.35 -1.76 -27.98
C SER B 311 26.44 -2.81 -27.76
N GLY B 312 26.11 -3.82 -26.98
CA GLY B 312 27.01 -4.93 -26.68
C GLY B 312 27.99 -4.67 -25.55
N ARG B 313 27.63 -3.77 -24.65
CA ARG B 313 28.46 -3.41 -23.50
C ARG B 313 27.76 -3.73 -22.18
N ARG B 314 28.59 -3.98 -21.19
CA ARG B 314 28.18 -4.29 -19.81
C ARG B 314 27.43 -3.08 -19.26
N ASN B 315 26.23 -3.29 -18.76
CA ASN B 315 25.38 -2.21 -18.26
C ASN B 315 25.01 -2.30 -16.79
N THR B 316 25.68 -3.13 -16.03
CA THR B 316 25.41 -3.35 -14.61
C THR B 316 25.08 -2.09 -13.82
N TYR B 317 25.87 -1.08 -13.99
CA TYR B 317 25.78 0.21 -13.32
C TYR B 317 24.50 0.96 -13.68
N TYR B 318 24.27 1.15 -14.97
CA TYR B 318 23.08 1.87 -15.45
C TYR B 318 21.81 1.08 -15.17
N ALA B 319 21.90 -0.24 -15.25
CA ALA B 319 20.72 -1.10 -15.04
C ALA B 319 20.22 -1.03 -13.60
N SER B 320 21.14 -0.95 -12.68
CA SER B 320 20.83 -0.88 -11.23
C SER B 320 20.26 0.48 -10.89
N ILE B 321 20.83 1.52 -11.46
CA ILE B 321 20.33 2.88 -11.27
C ILE B 321 18.85 2.94 -11.66
N ALA B 322 18.59 2.39 -12.82
CA ALA B 322 17.27 2.34 -13.43
C ALA B 322 16.27 1.58 -12.57
N LYS B 323 16.64 0.38 -12.18
CA LYS B 323 15.76 -0.49 -11.34
C LYS B 323 15.56 0.15 -9.97
N ALA B 324 16.63 0.66 -9.37
CA ALA B 324 16.57 1.32 -8.07
C ALA B 324 15.65 2.54 -8.10
N TYR B 325 15.92 3.47 -9.00
CA TYR B 325 15.17 4.70 -9.16
C TYR B 325 13.74 4.49 -9.64
N ALA B 326 13.54 3.68 -10.65
CA ALA B 326 12.19 3.43 -11.19
C ALA B 326 11.28 2.83 -10.13
N ALA B 327 11.78 1.93 -9.34
CA ALA B 327 11.07 1.26 -8.26
C ALA B 327 10.60 2.21 -7.16
N ASP B 328 11.45 3.17 -6.84
CA ASP B 328 11.16 4.14 -5.78
C ASP B 328 10.09 5.14 -6.20
N ILE B 329 10.21 5.68 -7.40
CA ILE B 329 9.24 6.70 -7.86
C ILE B 329 7.87 6.11 -8.16
N ALA B 330 7.79 4.90 -8.65
CA ALA B 330 6.51 4.24 -8.90
C ALA B 330 5.76 4.13 -7.56
N ASN B 331 6.55 3.88 -6.53
CA ASN B 331 6.02 3.77 -5.16
C ASN B 331 5.56 5.14 -4.65
N GLN B 332 6.36 6.14 -4.91
CA GLN B 332 6.07 7.53 -4.50
C GLN B 332 4.84 8.04 -5.23
N LEU B 333 4.79 7.80 -6.54
CA LEU B 333 3.63 8.24 -7.34
C LEU B 333 2.33 7.53 -6.98
N ALA B 334 2.44 6.25 -6.68
CA ALA B 334 1.26 5.44 -6.34
C ALA B 334 0.55 6.04 -5.13
N THR B 335 1.33 6.29 -4.11
CA THR B 335 0.81 6.89 -2.86
C THR B 335 0.33 8.31 -3.09
N ASP B 336 1.03 9.05 -3.93
CA ASP B 336 0.64 10.45 -4.23
C ASP B 336 -0.62 10.46 -5.09
N ALA B 337 -0.82 9.39 -5.82
CA ALA B 337 -2.02 9.27 -6.68
C ALA B 337 -3.26 9.02 -5.83
N VAL B 338 -3.17 8.17 -4.81
CA VAL B 338 -4.38 7.94 -3.97
C VAL B 338 -4.65 9.20 -3.14
N GLN B 339 -3.60 9.92 -2.81
CA GLN B 339 -3.72 11.15 -2.02
C GLN B 339 -4.62 12.15 -2.78
N VAL B 340 -4.32 12.27 -4.07
CA VAL B 340 -5.04 13.21 -4.93
C VAL B 340 -6.53 12.88 -5.02
N PHE B 341 -6.85 11.61 -4.92
CA PHE B 341 -8.22 11.09 -5.01
C PHE B 341 -9.00 11.28 -3.71
N GLY B 342 -8.28 11.49 -2.63
CA GLY B 342 -8.87 11.71 -1.31
C GLY B 342 -9.45 10.39 -0.79
N GLY B 343 -10.63 10.52 -0.20
CA GLY B 343 -11.34 9.35 0.33
C GLY B 343 -11.55 8.30 -0.75
N ASN B 344 -11.88 8.74 -1.94
CA ASN B 344 -12.12 7.85 -3.09
C ASN B 344 -10.89 7.00 -3.45
N GLY B 345 -9.72 7.53 -3.19
CA GLY B 345 -8.46 6.85 -3.53
C GLY B 345 -8.22 5.59 -2.71
N PHE B 346 -8.74 5.61 -1.51
CA PHE B 346 -8.64 4.48 -0.56
C PHE B 346 -9.66 3.39 -0.93
N ASN B 347 -10.53 3.83 -1.91
CA ASN B 347 -11.63 2.92 -2.25
C ASN B 347 -11.32 2.09 -3.52
N THR B 348 -11.71 0.86 -3.36
CA THR B 348 -11.55 -0.25 -4.29
C THR B 348 -12.33 -0.04 -5.59
N GLU B 349 -13.27 0.89 -5.72
CA GLU B 349 -13.99 1.16 -6.98
C GLU B 349 -13.19 2.11 -7.86
N TYR B 350 -12.13 2.65 -7.28
CA TYR B 350 -11.22 3.59 -7.99
C TYR B 350 -9.99 2.79 -8.35
N PRO B 351 -9.28 3.21 -9.36
CA PRO B 351 -8.13 2.48 -9.87
C PRO B 351 -6.78 2.68 -9.24
N VAL B 352 -6.61 3.63 -8.32
CA VAL B 352 -5.28 3.90 -7.76
C VAL B 352 -4.88 3.04 -6.58
N GLU B 353 -5.76 2.59 -5.72
CA GLU B 353 -5.32 1.76 -4.57
C GLU B 353 -4.62 0.50 -5.06
N LYS B 354 -5.08 -0.06 -6.17
CA LYS B 354 -4.48 -1.26 -6.76
C LYS B 354 -3.01 -1.00 -7.07
N LEU B 355 -2.80 0.14 -7.70
CA LEU B 355 -1.49 0.64 -8.11
C LEU B 355 -0.51 0.70 -6.93
N MET B 356 -1.00 1.22 -5.83
CA MET B 356 -0.21 1.36 -4.60
C MET B 356 0.19 -0.01 -4.08
N ARG B 357 -0.67 -0.99 -4.30
CA ARG B 357 -0.42 -2.37 -3.87
C ARG B 357 0.53 -3.12 -4.81
N ASP B 358 0.42 -2.81 -6.10
CA ASP B 358 1.24 -3.46 -7.13
C ASP B 358 2.69 -2.95 -7.12
N ALA B 359 2.81 -1.67 -6.87
CA ALA B 359 4.08 -0.96 -6.88
C ALA B 359 5.12 -1.45 -5.89
N LYS B 360 4.69 -1.83 -4.71
CA LYS B 360 5.59 -2.24 -3.64
C LYS B 360 6.60 -3.30 -4.08
N ILE B 361 6.18 -4.27 -4.85
CA ILE B 361 7.06 -5.37 -5.29
C ILE B 361 8.30 -4.93 -6.04
N TYR B 362 8.24 -3.80 -6.71
CA TYR B 362 9.35 -3.28 -7.52
C TYR B 362 10.59 -3.00 -6.71
N GLN B 363 10.40 -2.76 -5.43
CA GLN B 363 11.47 -2.46 -4.47
C GLN B 363 12.03 -3.76 -3.87
N ILE B 364 11.46 -4.88 -4.26
CA ILE B 364 11.88 -6.18 -3.71
C ILE B 364 12.44 -7.18 -4.72
N TYR B 365 11.55 -7.49 -5.87
CA TYR B 365 12.12 -8.60 -6.65
C TYR B 365 12.94 -8.08 -7.82
N GLU B 366 13.84 -9.05 -8.18
CA GLU B 366 14.87 -8.82 -9.20
C GLU B 366 15.98 -7.94 -8.66
N GLY B 367 16.20 -8.09 -7.37
CA GLY B 367 17.25 -7.33 -6.68
C GLY B 367 16.63 -6.16 -5.93
N THR B 368 16.60 -6.35 -4.57
CA THR B 368 16.00 -5.38 -3.64
C THR B 368 16.66 -4.01 -3.79
N ALA B 369 15.93 -3.06 -3.27
CA ALA B 369 16.38 -1.66 -3.27
C ALA B 369 17.79 -1.55 -2.69
N GLN B 370 17.99 -2.23 -1.57
CA GLN B 370 19.27 -2.26 -0.85
C GLN B 370 20.36 -2.94 -1.68
N ILE B 371 20.01 -4.05 -2.32
CA ILE B 371 20.97 -4.80 -3.14
C ILE B 371 21.45 -3.94 -4.32
N GLN B 372 20.57 -3.10 -4.83
CA GLN B 372 20.90 -2.22 -5.97
C GLN B 372 21.96 -1.21 -5.52
N ARG B 373 21.79 -0.66 -4.23
CA ARG B 373 22.75 0.33 -3.74
C ARG B 373 24.13 -0.34 -3.55
N ILE B 374 24.17 -1.67 -3.39
CA ILE B 374 25.40 -2.44 -3.18
C ILE B 374 26.13 -2.56 -4.52
N ILE B 375 25.34 -2.83 -5.55
CA ILE B 375 25.85 -2.98 -6.91
C ILE B 375 26.41 -1.64 -7.40
N ILE B 376 25.54 -0.64 -7.35
CA ILE B 376 25.89 0.72 -7.77
C ILE B 376 27.19 1.20 -7.12
N ALA B 377 27.25 1.05 -5.81
CA ALA B 377 28.41 1.47 -5.01
C ALA B 377 29.67 0.73 -5.47
N ARG B 378 29.54 -0.56 -5.71
CA ARG B 378 30.67 -1.40 -6.13
C ARG B 378 31.13 -1.02 -7.53
N GLU B 379 30.19 -0.78 -8.41
CA GLU B 379 30.46 -0.39 -9.80
C GLU B 379 31.04 1.02 -9.87
N HIS B 380 30.57 1.87 -8.99
CA HIS B 380 30.98 3.26 -8.86
C HIS B 380 32.41 3.37 -8.36
N ILE B 381 32.72 2.68 -7.28
CA ILE B 381 34.04 2.70 -6.67
C ILE B 381 35.10 2.17 -7.64
N GLY B 382 34.73 1.15 -8.38
CA GLY B 382 35.57 0.50 -9.37
C GLY B 382 36.25 1.47 -10.33
N ARG B 383 35.70 2.66 -10.48
CA ARG B 383 36.24 3.68 -11.39
C ARG B 383 37.24 4.61 -10.72
N TYR B 384 37.54 4.38 -9.47
CA TYR B 384 38.50 5.20 -8.71
C TYR B 384 39.55 4.24 -8.10
N LYS B 385 39.24 2.98 -8.29
CA LYS B 385 40.05 1.85 -7.82
C LYS B 385 40.32 0.93 -9.00
N1A CO8 C . -11.87 26.72 16.32
C2A CO8 C . -12.85 27.64 16.26
N3A CO8 C . -13.29 28.34 15.22
C4A CO8 C . -12.60 28.03 14.12
C5A CO8 C . -11.57 27.11 14.01
C6A CO8 C . -11.20 26.42 15.19
N6A CO8 C . -10.23 25.50 15.24
N7A CO8 C . -11.10 27.05 12.71
C8A CO8 C . -11.85 27.92 12.07
N9A CO8 C . -12.78 28.55 12.85
C1B CO8 C . -13.78 29.58 12.57
C2B CO8 C . -13.06 30.84 12.10
O2B CO8 C . -12.63 31.59 13.22
C3B CO8 C . -14.14 31.56 11.30
O3B CO8 C . -14.87 32.44 12.13
P3B CO8 C . -15.30 33.98 12.29
O7A CO8 C . -14.10 34.81 12.10
O8A CO8 C . -16.34 34.24 11.27
O9A CO8 C . -15.84 34.11 13.66
C4B CO8 C . -15.01 30.41 10.77
O4B CO8 C . -14.69 29.23 11.56
C5B CO8 C . -14.74 30.13 9.33
O5B CO8 C . -13.36 29.85 9.15
P1A CO8 C . -12.77 29.62 7.68
O1A CO8 C . -13.34 30.65 6.79
O2A CO8 C . -11.30 29.50 7.80
O3A CO8 C . -13.36 28.21 7.25
P2A CO8 C . -13.02 27.59 5.83
O4A CO8 C . -14.28 27.04 5.25
O5A CO8 C . -12.68 28.66 4.86
O6A CO8 C . -11.90 26.42 5.74
CBP CO8 C . -10.68 24.58 7.10
CCP CO8 C . -11.16 26.03 6.90
CDP CO8 C . -10.10 24.14 5.76
CEP CO8 C . -9.59 24.60 8.17
CAP CO8 C . -11.81 23.66 7.52
OAP CO8 C . -12.88 23.69 6.56
C9P CO8 C . -11.45 22.19 7.83
O9P CO8 C . -10.89 21.95 8.89
N8P CO8 C . -11.71 21.14 6.97
C7P CO8 C . -10.94 19.94 7.15
C6P CO8 C . -11.84 18.76 6.83
C5P CO8 C . -11.88 17.73 7.96
O5P CO8 C . -11.21 17.97 8.96
N4P CO8 C . -12.69 16.61 7.73
C3P CO8 C . -12.65 15.70 8.86
C2P CO8 C . -12.91 14.28 8.47
S1P CO8 C . -14.04 13.38 9.56
C1' CO8 C . -13.24 11.78 9.54
O1' CO8 C . -12.65 11.59 8.49
C2' CO8 C . -13.30 10.79 10.69
C3' CO8 C . -13.00 9.36 10.32
C4' CO8 C . -12.17 8.65 11.37
C5' CO8 C . -13.01 8.10 12.50
C6' CO8 C . -12.16 7.26 13.45
C7' CO8 C . -11.21 8.12 14.25
C8' CO8 C . -9.79 7.58 14.21
PA FAD D . -11.07 16.15 -1.38
O1A FAD D . -11.44 17.12 -0.33
O2A FAD D . -11.90 16.04 -2.60
O5B FAD D . -9.57 16.48 -1.81
C5B FAD D . -8.88 15.74 -2.81
C4B FAD D . -7.39 16.05 -2.72
O4B FAD D . -7.14 17.45 -2.90
C3B FAD D . -6.76 15.64 -1.41
O3B FAD D . -5.48 15.07 -1.65
C2B FAD D . -6.59 16.97 -0.65
O2B FAD D . -5.33 16.91 0.01
C1B FAD D . -6.47 17.99 -1.78
N9A FAD D . -7.05 19.29 -1.45
C8A FAD D . -8.36 19.62 -1.22
N7A FAD D . -8.55 20.89 -0.98
C5A FAD D . -7.27 21.44 -1.05
C6A FAD D . -6.80 22.76 -0.88
N6A FAD D . -7.60 23.79 -0.60
N1A FAD D . -5.49 22.98 -1.02
C2A FAD D . -4.70 21.93 -1.32
N3A FAD D . -5.02 20.65 -1.51
C4A FAD D . -6.34 20.48 -1.35
N1 FAD D . -16.00 11.69 7.00
C2 FAD D . -16.92 11.93 8.00
O2 FAD D . -17.59 12.95 7.99
N3 FAD D . -17.10 11.00 9.00
C4 FAD D . -16.37 9.83 9.08
O4 FAD D . -16.57 9.05 9.99
C4X FAD D . -15.40 9.61 8.02
N5 FAD D . -14.65 8.42 8.00
C5X FAD D . -13.99 8.08 6.87
C6 FAD D . -13.49 6.79 6.74
C7 FAD D . -12.80 6.41 5.58
C7M FAD D . -12.27 4.99 5.45
C8 FAD D . -12.60 7.35 4.54
C8M FAD D . -11.87 6.90 3.28
C9 FAD D . -13.09 8.62 4.64
C9A FAD D . -13.78 9.01 5.79
N10 FAD D . -14.32 10.30 5.99
C10 FAD D . -15.24 10.56 6.99
C1' FAD D . -14.05 11.21 4.84
C2' FAD D . -12.71 11.92 4.93
O2' FAD D . -12.81 12.85 6.02
C3' FAD D . -12.40 12.67 3.65
O3' FAD D . -12.29 11.70 2.60
C4' FAD D . -11.09 13.46 3.76
O4' FAD D . -11.45 14.70 4.46
C5' FAD D . -10.73 13.95 2.36
O5' FAD D . -11.77 14.71 1.68
P FAD D . -12.25 14.24 0.22
O1P FAD D . -12.33 12.77 0.18
O2P FAD D . -13.44 15.02 -0.15
O3P FAD D . -11.02 14.69 -0.71
N1A CO8 E . 28.08 -9.58 -13.96
C2A CO8 E . 28.99 -10.56 -14.11
N3A CO8 E . 29.70 -11.20 -13.18
C4A CO8 E . 29.39 -10.74 -11.96
C5A CO8 E . 28.48 -9.75 -11.65
C6A CO8 E . 27.79 -9.15 -12.72
N6A CO8 E . 26.89 -8.18 -12.57
N7A CO8 E . 28.43 -9.56 -10.27
C8A CO8 E . 29.30 -10.43 -9.81
N9A CO8 E . 29.92 -11.18 -10.77
C1B CO8 E . 30.94 -12.23 -10.70
C2B CO8 E . 32.19 -11.70 -10.04
O2B CO8 E . 33.06 -11.12 -10.97
C3B CO8 E . 32.76 -12.91 -9.34
O3B CO8 E . 33.75 -13.59 -10.11
P3B CO8 E . 35.20 -14.24 -9.92
O7A CO8 E . 36.10 -13.19 -9.37
O8A CO8 E . 35.07 -15.39 -8.99
O9A CO8 E . 35.64 -14.67 -11.27
C4B CO8 E . 31.55 -13.79 -9.05
O4B CO8 E . 30.49 -13.33 -9.93
C5B CO8 E . 31.08 -13.61 -7.63
O5B CO8 E . 30.80 -12.22 -7.45
P1A CO8 E . 30.52 -11.62 -6.00
O1A CO8 E . 31.63 -11.99 -5.11
O2A CO8 E . 30.18 -10.19 -6.18
O3A CO8 E . 29.22 -12.40 -5.52
P2A CO8 E . 28.43 -11.88 -4.23
O4A CO8 E . 28.19 -13.04 -3.34
O5A CO8 E . 29.34 -11.03 -3.43
O6A CO8 E . 27.04 -11.10 -4.44
CBP CO8 E . 25.32 -9.81 -5.85
CCP CO8 E . 26.68 -10.52 -5.70
CDP CO8 E . 25.14 -9.01 -4.56
CEP CO8 E . 25.45 -8.87 -7.04
CAP CO8 E . 24.19 -10.80 -6.03
OAP CO8 E . 24.06 -11.67 -4.90
C9P CO8 E . 22.83 -10.38 -6.58
O9P CO8 E . 22.79 -9.83 -7.69
N8P CO8 E . 21.61 -10.59 -5.96
C7P CO8 E . 20.55 -10.92 -6.88
C6P CO8 E . 19.32 -11.35 -6.11
C5P CO8 E . 18.11 -11.56 -7.02
O5P CO8 E . 17.99 -10.74 -7.92
N4P CO8 E . 17.27 -12.62 -6.72
C3P CO8 E . 16.65 -13.19 -7.91
C2P CO8 E . 15.49 -12.33 -8.38
S1P CO8 E . 14.67 -13.01 -9.85
C1' CO8 E . 13.10 -12.18 -9.76
O1' CO8 E . 12.87 -11.71 -8.65
C2' CO8 E . 12.14 -12.07 -10.93
C3' CO8 E . 10.69 -11.97 -10.59
C4' CO8 E . 9.91 -11.10 -11.54
C5' CO8 E . 9.70 -11.75 -12.90
C6' CO8 E . 8.93 -10.85 -13.84
C7' CO8 E . 9.78 -9.68 -14.32
C8' CO8 E . 9.05 -8.36 -14.11
PA FAD F . 16.08 -11.11 1.95
O1A FAD F . 17.20 -11.32 1.01
O2A FAD F . 15.94 -12.02 3.11
O5B FAD F . 16.24 -9.62 2.52
C5B FAD F . 15.44 -9.13 3.58
C4B FAD F . 15.73 -7.64 3.74
O4B FAD F . 17.13 -7.45 4.08
C3B FAD F . 15.50 -6.88 2.44
O3B FAD F . 15.02 -5.56 2.73
C2B FAD F . 16.91 -6.81 1.83
O2B FAD F . 17.02 -5.58 1.14
C1B FAD F . 17.79 -6.70 3.08
N9A FAD F . 19.13 -7.24 2.85
C8A FAD F . 19.52 -8.51 2.54
N7A FAD F . 20.81 -8.66 2.41
C5A FAD F . 21.32 -7.40 2.65
C6A FAD F . 22.64 -6.90 2.64
N6A FAD F . 23.71 -7.66 2.37
N1A FAD F . 22.81 -5.59 2.90
C2A FAD F . 21.72 -4.85 3.15
N3A FAD F . 20.44 -5.20 3.18
C4A FAD F . 20.30 -6.51 2.92
N1 FAD F . 12.73 -15.13 -7.40
C2 FAD F . 13.09 -15.91 -8.47
O2 FAD F . 14.15 -16.53 -8.45
N3 FAD F . 12.26 -16.04 -9.56
C4 FAD F . 11.05 -15.37 -9.63
O4 FAD F . 10.36 -15.51 -10.63
C4X FAD F . 10.68 -14.53 -8.51
N5 FAD F . 9.45 -13.83 -8.50
C5X FAD F . 9.03 -13.24 -7.36
C6 FAD F . 7.72 -12.77 -7.28
C7 FAD F . 7.25 -12.20 -6.09
C7M FAD F . 5.83 -11.67 -6.01
C8 FAD F . 8.09 -12.08 -4.97
C8M FAD F . 7.58 -11.45 -3.68
C9 FAD F . 9.40 -12.55 -5.04
C9A FAD F . 9.86 -13.13 -6.21
N10 FAD F . 11.17 -13.64 -6.33
C10 FAD F . 11.55 -14.43 -7.40
C1' FAD F . 11.99 -13.46 -5.11
C2' FAD F . 12.71 -12.13 -5.04
O2' FAD F . 13.82 -12.21 -5.97
C3' FAD F . 13.24 -11.93 -3.63
O3' FAD F . 12.10 -11.87 -2.76
C4' FAD F . 14.10 -10.70 -3.47
O4' FAD F . 15.37 -10.97 -4.15
C5' FAD F . 14.43 -10.51 -2.00
O5' FAD F . 15.03 -11.62 -1.29
P FAD F . 14.37 -12.19 0.07
O1P FAD F . 12.92 -12.27 -0.08
O2P FAD F . 15.14 -13.41 0.44
O3P FAD F . 14.70 -11.07 1.15
#